data_1XQL
#
_entry.id   1XQL
#
_cell.length_a   98.776
_cell.length_b   89.795
_cell.length_c   85.177
_cell.angle_alpha   90.00
_cell.angle_beta   90.00
_cell.angle_gamma   90.00
#
_symmetry.space_group_name_H-M   'P 21 21 21'
#
loop_
_entity.id
_entity.type
_entity.pdbx_description
1 polymer 'Alanine racemase'
2 non-polymer "4'-DEOXY-4'-AMINOPYRIDOXAL-5'-PHOSPHATE"
3 non-polymer '(5-HYDROXY-4-{[(3-HYDROXYISOXAZOL-4-YL)AMINO]METHYL}-6-METHYLPYRIDIN-3-YL)METHYL DIHYDROGEN PHOSPHATE'
4 non-polymer "PYRIDOXAL-5'-PHOSPHATE"
5 non-polymer (R)-4-AMINO-ISOXAZOLIDIN-3-ONE
6 non-polymer 'ACETIC ACID'
7 water water
#
_entity_poly.entity_id   1
_entity_poly.type   'polypeptide(L)'
_entity_poly.pdbx_seq_one_letter_code
;MNDFHRDTWAEVDLDAIYDNVENLRRLLPDDTHIMAVVKANAYGHGDVQVARTALEAGASRLAVAFLDEALALREKGIEA
PILVLGASRPADAALAAQQRIALTVFRSDWLEEASALYSGPFPIHFHL(KCX)MDTGMGRLGVKDEEETKRIVALIERHP
HFVLEGLYTHFATADEVNTDYFSYQYTRFLHMLEWLPSRPPLVHCANSAASLRFPDRTFNMVRFGIAMYGLAPSPGIKPL
LPYPLKEAFSLHSRLVHVKKLQPGEKVSFGATYTAQTEEWIGTIPIGYADGWLRRLQHFHVLVDGQKAPIVGRICMDQCM
IRLPGPLPVGTKVTLIGRQGDEVISIDDVARHLETINYEVPCTISYRVPRIFFRHKRIMEVRNAIGRGESSA
;
_entity_poly.pdbx_strand_id   A,B
#
loop_
_chem_comp.id
_chem_comp.type
_chem_comp.name
_chem_comp.formula
4AX non-polymer (R)-4-AMINO-ISOXAZOLIDIN-3-ONE 'C3 H6 N2 O2'
ACY non-polymer 'ACETIC ACID' 'C2 H4 O2'
PLP non-polymer PYRIDOXAL-5'-PHOSPHATE 'C8 H10 N O6 P'
PMH non-polymer '(5-HYDROXY-4-{[(3-HYDROXYISOXAZOL-4-YL)AMINO]METHYL}-6-METHYLPYRIDIN-3-YL)METHYL DIHYDROGEN PHOSPHATE' 'C11 H14 N3 O7 P'
PMP non-polymer 4'-DEOXY-4'-AMINOPYRIDOXAL-5'-PHOSPHATE 'C8 H13 N2 O5 P'
#
# COMPACT_ATOMS: atom_id res chain seq x y z
N ASN A 2 -19.57 -2.53 -6.58
CA ASN A 2 -19.73 -2.05 -5.18
C ASN A 2 -20.00 -3.22 -4.23
N ASP A 3 -19.21 -4.28 -4.38
CA ASP A 3 -19.33 -5.46 -3.54
C ASP A 3 -17.94 -6.04 -3.40
N PHE A 4 -17.75 -6.96 -2.46
CA PHE A 4 -16.46 -7.60 -2.25
C PHE A 4 -16.67 -9.04 -1.86
N HIS A 5 -15.68 -9.89 -2.15
CA HIS A 5 -15.81 -11.30 -1.87
C HIS A 5 -14.82 -12.00 -0.95
N ARG A 6 -14.26 -11.23 -0.03
N ARG A 6 -14.27 -11.22 -0.03
CA ARG A 6 -13.35 -11.76 0.98
CA ARG A 6 -13.36 -11.74 0.98
C ARG A 6 -13.82 -11.09 2.27
C ARG A 6 -13.81 -11.08 2.27
N ASP A 7 -13.82 -11.83 3.37
CA ASP A 7 -14.27 -11.29 4.65
C ASP A 7 -13.28 -10.42 5.41
N THR A 8 -12.78 -9.39 4.75
CA THR A 8 -11.83 -8.43 5.34
C THR A 8 -12.23 -7.08 4.77
N TRP A 9 -12.46 -6.10 5.65
CA TRP A 9 -12.88 -4.79 5.20
C TRP A 9 -12.57 -3.70 6.21
N ALA A 10 -12.50 -2.47 5.72
CA ALA A 10 -12.24 -1.34 6.58
C ALA A 10 -13.54 -0.56 6.62
N GLU A 11 -13.83 0.05 7.76
CA GLU A 11 -15.04 0.85 7.88
C GLU A 11 -14.64 2.30 8.10
N VAL A 12 -15.29 3.20 7.39
CA VAL A 12 -15.02 4.63 7.52
C VAL A 12 -16.29 5.31 7.99
N ASP A 13 -16.24 5.88 9.18
CA ASP A 13 -17.39 6.57 9.76
C ASP A 13 -17.38 8.01 9.30
N LEU A 14 -18.22 8.34 8.31
CA LEU A 14 -18.27 9.70 7.80
C LEU A 14 -18.94 10.69 8.77
N ASP A 15 -19.69 10.18 9.74
CA ASP A 15 -20.31 11.09 10.71
C ASP A 15 -19.20 11.66 11.61
N ALA A 16 -18.17 10.86 11.85
CA ALA A 16 -17.04 11.30 12.68
C ALA A 16 -16.30 12.41 11.96
N ILE A 17 -16.03 12.20 10.67
CA ILE A 17 -15.34 13.17 9.84
C ILE A 17 -16.15 14.47 9.80
N TYR A 18 -17.47 14.33 9.66
CA TYR A 18 -18.33 15.51 9.63
C TYR A 18 -18.14 16.30 10.93
N ASP A 19 -18.30 15.62 12.07
CA ASP A 19 -18.15 16.26 13.37
C ASP A 19 -16.78 16.89 13.57
N ASN A 20 -15.73 16.21 13.13
CA ASN A 20 -14.38 16.75 13.30
C ASN A 20 -14.20 18.06 12.55
N VAL A 21 -14.79 18.18 11.36
CA VAL A 21 -14.66 19.40 10.56
C VAL A 21 -15.62 20.49 11.04
N GLU A 22 -16.85 20.11 11.38
CA GLU A 22 -17.81 21.12 11.84
C GLU A 22 -17.31 21.81 13.10
N ASN A 23 -16.73 21.05 14.01
CA ASN A 23 -16.20 21.63 15.25
C ASN A 23 -15.07 22.61 14.95
N LEU A 24 -14.33 22.37 13.87
CA LEU A 24 -13.24 23.28 13.51
C LEU A 24 -13.84 24.58 12.96
N ARG A 25 -14.89 24.44 12.17
CA ARG A 25 -15.56 25.58 11.56
C ARG A 25 -16.03 26.58 12.62
N ARG A 26 -16.49 26.05 13.75
CA ARG A 26 -16.96 26.89 14.85
C ARG A 26 -15.81 27.48 15.65
N LEU A 27 -14.69 26.76 15.70
CA LEU A 27 -13.52 27.20 16.45
C LEU A 27 -12.76 28.36 15.79
N LEU A 28 -12.69 28.34 14.47
CA LEU A 28 -11.97 29.37 13.72
C LEU A 28 -12.76 30.64 13.47
N PRO A 29 -12.06 31.77 13.27
CA PRO A 29 -12.73 33.04 13.02
C PRO A 29 -13.61 32.86 11.78
N ASP A 30 -14.74 33.55 11.75
CA ASP A 30 -15.68 33.46 10.65
C ASP A 30 -15.08 33.72 9.27
N ASP A 31 -14.05 34.55 9.21
CA ASP A 31 -13.43 34.88 7.94
C ASP A 31 -12.21 34.03 7.58
N THR A 32 -12.11 32.84 8.18
CA THR A 32 -11.01 31.94 7.89
C THR A 32 -11.56 30.68 7.24
N HIS A 33 -11.15 30.43 6.01
CA HIS A 33 -11.60 29.28 5.24
C HIS A 33 -10.91 28.00 5.65
N ILE A 34 -11.57 26.87 5.41
CA ILE A 34 -11.00 25.58 5.73
C ILE A 34 -10.71 24.81 4.44
N MET A 35 -9.44 24.45 4.25
CA MET A 35 -9.06 23.66 3.10
C MET A 35 -8.82 22.26 3.66
N ALA A 36 -9.65 21.31 3.25
CA ALA A 36 -9.50 19.94 3.73
C ALA A 36 -8.45 19.23 2.90
N VAL A 37 -7.44 18.67 3.55
N VAL A 37 -7.50 18.61 3.60
CA VAL A 37 -6.41 17.98 2.78
CA VAL A 37 -6.40 17.90 2.96
C VAL A 37 -6.74 16.51 2.68
C VAL A 37 -6.80 16.45 2.71
N VAL A 38 -6.95 16.07 1.45
CA VAL A 38 -7.32 14.71 1.13
C VAL A 38 -6.35 13.95 0.22
N LYS A 39 -5.07 14.28 0.29
N LYS A 39 -5.07 14.27 0.34
CA LYS A 39 -4.10 13.59 -0.54
CA LYS A 39 -4.05 13.60 -0.46
C LYS A 39 -3.99 12.15 -0.06
C LYS A 39 -3.92 12.15 0.00
N ALA A 40 -3.33 11.31 -0.86
CA ALA A 40 -3.15 9.89 -0.53
C ALA A 40 -4.48 9.19 -0.29
N ASN A 41 -5.43 9.42 -1.19
CA ASN A 41 -6.78 8.86 -1.09
C ASN A 41 -7.38 9.18 0.28
N ALA A 42 -7.26 10.46 0.66
CA ALA A 42 -7.75 10.97 1.93
C ALA A 42 -7.13 10.17 3.08
N TYR A 43 -5.80 10.13 3.10
CA TYR A 43 -5.06 9.41 4.12
C TYR A 43 -5.59 7.98 4.24
N GLY A 44 -5.89 7.38 3.09
CA GLY A 44 -6.37 6.01 3.07
C GLY A 44 -7.83 5.81 3.44
N HIS A 45 -8.57 6.89 3.61
CA HIS A 45 -9.99 6.81 3.99
C HIS A 45 -11.00 6.86 2.84
N GLY A 46 -10.58 7.32 1.67
CA GLY A 46 -11.47 7.41 0.52
C GLY A 46 -11.58 8.86 0.08
N ASP A 47 -10.86 9.21 -0.99
CA ASP A 47 -10.83 10.60 -1.45
C ASP A 47 -12.15 11.34 -1.68
N VAL A 48 -12.98 10.86 -2.58
CA VAL A 48 -14.23 11.54 -2.88
C VAL A 48 -15.22 11.53 -1.72
N GLN A 49 -15.31 10.41 -1.00
CA GLN A 49 -16.23 10.32 0.14
C GLN A 49 -15.88 11.32 1.26
N VAL A 50 -14.60 11.41 1.62
CA VAL A 50 -14.18 12.34 2.67
C VAL A 50 -14.34 13.77 2.17
N ALA A 51 -13.96 14.02 0.92
CA ALA A 51 -14.07 15.37 0.35
C ALA A 51 -15.50 15.90 0.39
N ARG A 52 -16.46 15.09 -0.06
CA ARG A 52 -17.86 15.51 -0.06
C ARG A 52 -18.34 15.82 1.35
N THR A 53 -17.94 14.99 2.29
CA THR A 53 -18.33 15.17 3.69
C THR A 53 -17.71 16.44 4.27
N ALA A 54 -16.44 16.68 3.97
CA ALA A 54 -15.76 17.87 4.50
C ALA A 54 -16.42 19.14 3.96
N LEU A 55 -16.80 19.13 2.69
CA LEU A 55 -17.45 20.28 2.08
C LEU A 55 -18.82 20.51 2.73
N GLU A 56 -19.50 19.43 3.08
CA GLU A 56 -20.81 19.53 3.74
C GLU A 56 -20.65 20.14 5.12
N ALA A 57 -19.56 19.80 5.80
CA ALA A 57 -19.30 20.27 7.15
C ALA A 57 -18.75 21.69 7.27
N GLY A 58 -18.38 22.31 6.15
CA GLY A 58 -17.86 23.66 6.22
C GLY A 58 -16.60 23.96 5.45
N ALA A 59 -15.88 22.93 5.02
CA ALA A 59 -14.66 23.17 4.24
C ALA A 59 -15.11 23.80 2.92
N SER A 60 -14.26 24.61 2.31
CA SER A 60 -14.62 25.25 1.05
C SER A 60 -13.64 24.94 -0.08
N ARG A 61 -12.49 24.37 0.27
CA ARG A 61 -11.48 24.03 -0.73
C ARG A 61 -10.83 22.71 -0.33
N LEU A 62 -10.09 22.11 -1.26
CA LEU A 62 -9.42 20.84 -1.00
C LEU A 62 -7.96 20.91 -1.41
N ALA A 63 -7.15 20.04 -0.85
CA ALA A 63 -5.72 19.99 -1.20
C ALA A 63 -5.32 18.54 -1.46
N VAL A 64 -4.47 18.33 -2.46
CA VAL A 64 -3.96 17.01 -2.80
C VAL A 64 -2.45 17.13 -2.96
N ALA A 65 -1.76 16.00 -3.10
CA ALA A 65 -0.30 15.99 -3.21
C ALA A 65 0.23 16.26 -4.61
N PHE A 66 -0.39 15.67 -5.63
CA PHE A 66 0.07 15.89 -6.99
C PHE A 66 -1.09 15.91 -7.98
N LEU A 67 -0.79 16.32 -9.21
CA LEU A 67 -1.83 16.48 -10.20
C LEU A 67 -2.81 15.33 -10.43
N ASP A 68 -2.30 14.10 -10.51
CA ASP A 68 -3.17 12.96 -10.74
C ASP A 68 -4.28 12.88 -9.70
N GLU A 69 -3.95 13.16 -8.44
CA GLU A 69 -4.95 13.10 -7.39
C GLU A 69 -6.04 14.15 -7.59
N ALA A 70 -5.66 15.33 -8.07
CA ALA A 70 -6.63 16.40 -8.32
C ALA A 70 -7.54 16.02 -9.49
N LEU A 71 -6.96 15.49 -10.55
CA LEU A 71 -7.74 15.09 -11.72
C LEU A 71 -8.75 14.00 -11.37
N ALA A 72 -8.35 13.06 -10.51
CA ALA A 72 -9.25 11.98 -10.11
C ALA A 72 -10.48 12.52 -9.39
N LEU A 73 -10.30 13.53 -8.55
CA LEU A 73 -11.42 14.13 -7.83
C LEU A 73 -12.37 14.83 -8.80
N ARG A 74 -11.81 15.45 -9.83
CA ARG A 74 -12.61 16.15 -10.84
C ARG A 74 -13.44 15.15 -11.64
N GLU A 75 -12.83 14.00 -11.92
CA GLU A 75 -13.52 12.96 -12.69
C GLU A 75 -14.65 12.36 -11.88
N LYS A 76 -14.54 12.43 -10.56
CA LYS A 76 -15.56 11.88 -9.68
C LYS A 76 -16.65 12.89 -9.34
N GLY A 77 -16.63 14.04 -10.01
CA GLY A 77 -17.67 15.04 -9.78
C GLY A 77 -17.42 16.16 -8.79
N ILE A 78 -16.23 16.23 -8.21
CA ILE A 78 -15.94 17.30 -7.26
C ILE A 78 -15.66 18.58 -8.04
N GLU A 79 -16.35 19.66 -7.67
CA GLU A 79 -16.18 20.93 -8.37
C GLU A 79 -15.53 22.01 -7.51
N ALA A 80 -15.29 21.72 -6.24
CA ALA A 80 -14.69 22.70 -5.35
C ALA A 80 -13.25 22.99 -5.76
N PRO A 81 -12.73 24.16 -5.38
CA PRO A 81 -11.36 24.49 -5.73
C PRO A 81 -10.42 23.44 -5.15
N ILE A 82 -9.34 23.14 -5.86
CA ILE A 82 -8.37 22.16 -5.41
C ILE A 82 -6.96 22.72 -5.59
N LEU A 83 -6.13 22.56 -4.57
CA LEU A 83 -4.75 23.03 -4.64
C LEU A 83 -3.81 21.84 -4.61
N VAL A 84 -2.86 21.81 -5.55
CA VAL A 84 -1.86 20.76 -5.59
C VAL A 84 -0.71 21.29 -4.72
N LEU A 85 -0.43 20.60 -3.62
CA LEU A 85 0.61 21.02 -2.67
C LEU A 85 2.03 20.73 -3.13
N GLY A 86 2.19 19.72 -3.98
CA GLY A 86 3.51 19.36 -4.44
C GLY A 86 3.91 19.91 -5.79
N ALA A 87 4.99 19.35 -6.33
CA ALA A 87 5.50 19.78 -7.63
C ALA A 87 4.69 19.25 -8.80
N SER A 88 4.76 19.96 -9.92
CA SER A 88 4.06 19.54 -11.13
C SER A 88 4.96 19.88 -12.32
N ARG A 89 4.57 19.41 -13.50
CA ARG A 89 5.36 19.68 -14.69
C ARG A 89 4.85 20.94 -15.35
N PRO A 90 5.76 21.82 -15.80
N PRO A 90 5.77 21.81 -15.83
CA PRO A 90 5.29 23.04 -16.46
CA PRO A 90 5.39 23.04 -16.49
C PRO A 90 4.42 22.73 -17.68
C PRO A 90 4.48 22.76 -17.70
N ALA A 91 4.70 21.60 -18.33
CA ALA A 91 3.92 21.20 -19.50
C ALA A 91 2.47 20.86 -19.16
N ASP A 92 2.18 20.62 -17.88
CA ASP A 92 0.81 20.30 -17.48
C ASP A 92 0.03 21.53 -17.00
N ALA A 93 0.64 22.70 -17.10
CA ALA A 93 -0.02 23.93 -16.66
C ALA A 93 -1.38 24.14 -17.34
N ALA A 94 -1.44 23.87 -18.64
CA ALA A 94 -2.67 24.04 -19.42
C ALA A 94 -3.77 23.09 -18.94
N LEU A 95 -3.39 21.88 -18.59
CA LEU A 95 -4.35 20.89 -18.10
C LEU A 95 -4.92 21.35 -16.77
N ALA A 96 -4.04 21.80 -15.88
CA ALA A 96 -4.47 22.27 -14.58
C ALA A 96 -5.39 23.49 -14.72
N ALA A 97 -5.06 24.38 -15.64
CA ALA A 97 -5.85 25.58 -15.87
C ALA A 97 -7.28 25.27 -16.35
N GLN A 98 -7.39 24.40 -17.34
CA GLN A 98 -8.71 24.06 -17.86
C GLN A 98 -9.56 23.34 -16.83
N GLN A 99 -8.90 22.63 -15.90
CA GLN A 99 -9.59 21.89 -14.86
C GLN A 99 -9.78 22.70 -13.58
N ARG A 100 -9.37 23.97 -13.60
CA ARG A 100 -9.51 24.84 -12.44
C ARG A 100 -8.83 24.27 -11.20
N ILE A 101 -7.57 23.88 -11.37
CA ILE A 101 -6.78 23.32 -10.28
C ILE A 101 -5.62 24.27 -10.00
N ALA A 102 -5.53 24.76 -8.77
CA ALA A 102 -4.46 25.68 -8.38
C ALA A 102 -3.15 24.91 -8.21
N LEU A 103 -2.04 25.56 -8.52
CA LEU A 103 -0.73 24.91 -8.42
C LEU A 103 0.25 25.61 -7.49
N THR A 104 1.09 24.80 -6.86
CA THR A 104 2.11 25.33 -5.96
C THR A 104 3.35 25.63 -6.80
N VAL A 105 3.96 26.79 -6.56
N VAL A 105 3.97 26.78 -6.55
CA VAL A 105 5.17 27.17 -7.30
CA VAL A 105 5.17 27.18 -7.27
C VAL A 105 6.23 27.65 -6.30
C VAL A 105 6.24 27.62 -6.26
N PHE A 106 7.49 27.30 -6.55
CA PHE A 106 8.57 27.68 -5.65
C PHE A 106 9.91 27.99 -6.32
N ARG A 107 9.95 28.00 -7.65
CA ARG A 107 11.18 28.39 -8.34
C ARG A 107 10.89 29.08 -9.65
N SER A 108 11.70 30.10 -9.95
CA SER A 108 11.54 30.89 -11.15
C SER A 108 11.73 30.14 -12.46
N ASP A 109 12.68 29.19 -12.51
CA ASP A 109 12.89 28.48 -13.76
C ASP A 109 11.67 27.64 -14.15
N TRP A 110 10.84 27.29 -13.18
CA TRP A 110 9.63 26.52 -13.48
C TRP A 110 8.71 27.44 -14.28
N LEU A 111 8.57 28.68 -13.81
CA LEU A 111 7.71 29.66 -14.48
C LEU A 111 8.24 30.03 -15.86
N GLU A 112 9.57 30.07 -15.99
CA GLU A 112 10.18 30.40 -17.28
C GLU A 112 9.64 29.41 -18.32
N GLU A 113 9.73 28.13 -17.99
CA GLU A 113 9.30 27.08 -18.90
C GLU A 113 7.80 27.10 -19.13
N ALA A 114 7.01 27.26 -18.07
CA ALA A 114 5.56 27.27 -18.20
C ALA A 114 5.08 28.42 -19.07
N SER A 115 5.68 29.59 -18.90
CA SER A 115 5.31 30.77 -19.68
C SER A 115 5.43 30.52 -21.18
N ALA A 116 6.48 29.80 -21.57
CA ALA A 116 6.73 29.49 -22.97
C ALA A 116 5.80 28.43 -23.55
N LEU A 117 5.06 27.74 -22.67
CA LEU A 117 4.18 26.69 -23.13
C LEU A 117 2.68 27.00 -23.04
N TYR A 118 2.31 28.00 -22.26
CA TYR A 118 0.89 28.34 -22.10
C TYR A 118 0.54 29.77 -22.51
N SER A 119 -0.60 29.92 -23.18
CA SER A 119 -1.05 31.25 -23.62
C SER A 119 -2.54 31.51 -23.46
N GLY A 120 -3.14 31.00 -22.38
CA GLY A 120 -4.56 31.21 -22.15
C GLY A 120 -5.46 30.21 -22.84
N PRO A 121 -6.78 30.44 -22.84
CA PRO A 121 -7.49 31.58 -22.23
C PRO A 121 -7.79 31.45 -20.74
N PHE A 122 -7.62 30.26 -20.20
CA PHE A 122 -7.91 30.03 -18.79
C PHE A 122 -6.78 30.51 -17.89
N PRO A 123 -7.13 31.15 -16.77
CA PRO A 123 -6.12 31.64 -15.84
C PRO A 123 -5.62 30.48 -14.99
N ILE A 124 -4.36 30.54 -14.57
CA ILE A 124 -3.80 29.50 -13.70
C ILE A 124 -3.56 30.18 -12.36
N HIS A 125 -4.16 29.65 -11.31
CA HIS A 125 -3.99 30.22 -9.99
C HIS A 125 -2.82 29.54 -9.30
N PHE A 126 -1.84 30.34 -8.87
CA PHE A 126 -0.66 29.81 -8.20
C PHE A 126 -0.63 30.15 -6.73
N HIS A 127 0.01 29.28 -5.95
CA HIS A 127 0.21 29.50 -4.54
C HIS A 127 1.71 29.41 -4.33
N LEU A 128 2.31 30.52 -3.92
CA LEU A 128 3.76 30.56 -3.71
C LEU A 128 4.14 29.92 -2.40
N KCX A 129 4.97 28.88 -2.46
CA KCX A 129 5.42 28.21 -1.26
CB KCX A 129 5.63 26.72 -1.56
CG KCX A 129 6.30 25.98 -0.44
CD KCX A 129 5.51 26.11 0.86
CE KCX A 129 5.16 24.76 1.35
NZ KCX A 129 6.36 23.95 1.61
C KCX A 129 6.71 28.80 -0.71
O KCX A 129 7.68 28.97 -1.45
CX KCX A 129 6.31 22.70 2.02
OQ1 KCX A 129 5.20 22.18 2.26
OQ2 KCX A 129 7.38 22.06 2.19
N MET A 130 6.70 29.13 0.58
CA MET A 130 7.89 29.68 1.23
C MET A 130 8.41 28.69 2.26
N ASP A 131 9.72 28.44 2.22
CA ASP A 131 10.36 27.53 3.16
C ASP A 131 10.82 28.38 4.34
N THR A 132 10.18 28.18 5.48
CA THR A 132 10.53 28.96 6.68
C THR A 132 11.27 28.13 7.72
N GLY A 133 11.70 26.93 7.34
CA GLY A 133 12.41 26.07 8.28
C GLY A 133 12.13 24.60 8.15
N MET A 134 11.26 24.23 7.20
CA MET A 134 10.93 22.82 6.99
C MET A 134 11.96 22.15 6.08
N GLY A 135 12.53 22.91 5.17
CA GLY A 135 13.54 22.38 4.26
C GLY A 135 13.04 21.42 3.19
N ARG A 136 11.74 21.40 2.95
CA ARG A 136 11.17 20.51 1.95
C ARG A 136 11.03 21.21 0.61
N LEU A 137 9.97 22.00 0.44
CA LEU A 137 9.77 22.76 -0.79
C LEU A 137 9.64 24.23 -0.39
N GLY A 138 9.80 25.13 -1.36
CA GLY A 138 9.65 26.54 -1.05
C GLY A 138 10.84 27.45 -1.33
N VAL A 139 10.55 28.72 -1.53
CA VAL A 139 11.58 29.72 -1.78
C VAL A 139 12.21 30.09 -0.44
N LYS A 140 13.43 30.59 -0.48
CA LYS A 140 14.13 30.98 0.75
C LYS A 140 14.85 32.31 0.62
N ASP A 141 14.92 32.82 -0.61
N ASP A 141 14.93 32.82 -0.62
CA ASP A 141 15.60 34.09 -0.89
CA ASP A 141 15.62 34.08 -0.90
C ASP A 141 14.65 35.18 -1.35
C ASP A 141 14.69 35.18 -1.40
N GLU A 142 14.97 36.42 -1.01
CA GLU A 142 14.16 37.56 -1.41
C GLU A 142 14.24 37.79 -2.93
N GLU A 143 15.42 37.57 -3.49
CA GLU A 143 15.60 37.77 -4.93
C GLU A 143 14.73 36.80 -5.75
N GLU A 144 14.80 35.52 -5.40
CA GLU A 144 14.01 34.50 -6.08
C GLU A 144 12.51 34.79 -5.90
N THR A 145 12.14 35.24 -4.71
CA THR A 145 10.75 35.55 -4.42
C THR A 145 10.23 36.68 -5.32
N LYS A 146 11.00 37.76 -5.42
CA LYS A 146 10.58 38.89 -6.25
C LYS A 146 10.56 38.54 -7.74
N ARG A 147 11.47 37.66 -8.14
CA ARG A 147 11.54 37.22 -9.54
C ARG A 147 10.30 36.40 -9.89
N ILE A 148 9.90 35.51 -9.00
CA ILE A 148 8.72 34.68 -9.24
C ILE A 148 7.48 35.55 -9.38
N VAL A 149 7.34 36.54 -8.52
CA VAL A 149 6.20 37.44 -8.57
C VAL A 149 6.22 38.24 -9.86
N ALA A 150 7.42 38.62 -10.29
CA ALA A 150 7.59 39.39 -11.52
C ALA A 150 7.12 38.61 -12.74
N LEU A 151 7.54 37.34 -12.84
CA LEU A 151 7.16 36.50 -13.97
C LEU A 151 5.65 36.24 -14.00
N ILE A 152 5.04 36.15 -12.83
CA ILE A 152 3.60 35.92 -12.76
C ILE A 152 2.84 37.17 -13.21
N GLU A 153 3.29 38.33 -12.75
CA GLU A 153 2.65 39.58 -13.14
C GLU A 153 2.76 39.86 -14.63
N ARG A 154 3.87 39.43 -15.23
CA ARG A 154 4.08 39.65 -16.66
C ARG A 154 3.10 38.86 -17.52
N HIS A 155 2.79 37.63 -17.12
CA HIS A 155 1.89 36.78 -17.88
C HIS A 155 0.43 37.12 -17.62
N PRO A 156 -0.32 37.47 -18.66
CA PRO A 156 -1.75 37.82 -18.54
C PRO A 156 -2.65 36.72 -18.01
N HIS A 157 -2.17 35.48 -18.04
CA HIS A 157 -2.96 34.36 -17.57
C HIS A 157 -2.45 33.69 -16.30
N PHE A 158 -1.38 34.25 -15.72
CA PHE A 158 -0.83 33.73 -14.48
C PHE A 158 -1.35 34.62 -13.35
N VAL A 159 -1.87 33.99 -12.29
CA VAL A 159 -2.40 34.74 -11.15
C VAL A 159 -1.83 34.24 -9.83
N LEU A 160 -1.41 35.16 -8.97
CA LEU A 160 -0.89 34.78 -7.67
C LEU A 160 -2.06 34.80 -6.69
N GLU A 161 -2.67 33.63 -6.46
CA GLU A 161 -3.81 33.54 -5.58
C GLU A 161 -3.45 33.38 -4.11
N GLY A 162 -2.30 32.79 -3.83
CA GLY A 162 -1.92 32.60 -2.44
C GLY A 162 -0.44 32.48 -2.13
N LEU A 163 -0.14 32.44 -0.84
N LEU A 163 -0.14 32.42 -0.85
CA LEU A 163 1.23 32.32 -0.35
CA LEU A 163 1.22 32.29 -0.37
C LEU A 163 1.18 31.53 0.95
C LEU A 163 1.12 31.46 0.91
N TYR A 164 2.04 30.53 1.08
CA TYR A 164 2.01 29.72 2.29
C TYR A 164 3.33 29.08 2.67
N THR A 165 3.34 28.50 3.87
CA THR A 165 4.49 27.79 4.39
C THR A 165 3.92 26.63 5.19
N HIS A 166 4.79 25.74 5.66
CA HIS A 166 4.34 24.59 6.43
C HIS A 166 5.27 24.47 7.63
N PHE A 167 4.70 24.10 8.78
CA PHE A 167 5.46 23.96 10.01
C PHE A 167 6.00 22.54 10.23
N ALA A 168 7.21 22.45 10.76
CA ALA A 168 7.86 21.16 10.99
C ALA A 168 7.64 20.61 12.40
N THR A 169 7.29 21.48 13.34
CA THR A 169 7.12 21.04 14.72
C THR A 169 5.89 21.60 15.45
N ALA A 170 4.79 21.83 14.72
CA ALA A 170 3.60 22.38 15.36
C ALA A 170 2.96 21.41 16.35
N ASP A 171 3.33 20.15 16.26
CA ASP A 171 2.77 19.12 17.13
C ASP A 171 3.62 18.86 18.36
N GLU A 172 4.64 19.68 18.58
CA GLU A 172 5.51 19.51 19.74
C GLU A 172 5.04 20.47 20.83
N VAL A 173 4.99 20.00 22.07
CA VAL A 173 4.53 20.85 23.17
C VAL A 173 5.33 22.14 23.21
N ASN A 174 6.66 22.02 23.13
CA ASN A 174 7.53 23.19 23.13
C ASN A 174 7.32 23.91 21.80
N THR A 175 7.12 25.23 21.87
CA THR A 175 6.87 26.02 20.66
C THR A 175 8.02 26.91 20.20
N ASP A 176 9.24 26.59 20.58
CA ASP A 176 10.38 27.42 20.18
C ASP A 176 10.60 27.47 18.67
N TYR A 177 10.75 26.31 18.04
CA TYR A 177 10.97 26.26 16.61
C TYR A 177 9.73 26.76 15.87
N PHE A 178 8.55 26.44 16.39
CA PHE A 178 7.31 26.87 15.78
C PHE A 178 7.29 28.40 15.73
N SER A 179 7.61 29.02 16.87
CA SER A 179 7.64 30.47 16.98
C SER A 179 8.66 31.06 16.01
N TYR A 180 9.76 30.36 15.80
CA TYR A 180 10.79 30.82 14.88
C TYR A 180 10.24 30.83 13.45
N GLN A 181 9.60 29.73 13.06
CA GLN A 181 9.04 29.62 11.70
C GLN A 181 7.94 30.65 11.48
N TYR A 182 7.13 30.89 12.49
CA TYR A 182 6.03 31.85 12.39
C TYR A 182 6.59 33.25 12.13
N THR A 183 7.62 33.61 12.90
CA THR A 183 8.26 34.91 12.75
C THR A 183 8.93 35.04 11.38
N ARG A 184 9.60 33.98 10.94
CA ARG A 184 10.25 34.01 9.63
C ARG A 184 9.22 34.24 8.54
N PHE A 185 8.06 33.59 8.68
CA PHE A 185 7.01 33.73 7.70
C PHE A 185 6.58 35.20 7.59
N LEU A 186 6.32 35.83 8.72
CA LEU A 186 5.89 37.25 8.75
C LEU A 186 6.94 38.13 8.07
N HIS A 187 8.20 37.81 8.29
CA HIS A 187 9.31 38.56 7.72
C HIS A 187 9.37 38.38 6.20
N MET A 188 9.23 37.14 5.74
CA MET A 188 9.27 36.85 4.31
C MET A 188 8.06 37.43 3.59
N LEU A 189 6.94 37.55 4.30
CA LEU A 189 5.72 38.11 3.72
C LEU A 189 5.97 39.53 3.21
N GLU A 190 6.89 40.23 3.87
CA GLU A 190 7.21 41.60 3.49
C GLU A 190 7.95 41.69 2.16
N TRP A 191 8.40 40.55 1.64
CA TRP A 191 9.10 40.53 0.37
C TRP A 191 8.13 40.69 -0.79
N LEU A 192 6.85 40.51 -0.52
CA LEU A 192 5.84 40.64 -1.57
C LEU A 192 5.39 42.09 -1.70
N PRO A 193 5.25 42.57 -2.94
CA PRO A 193 4.81 43.95 -3.20
C PRO A 193 3.32 44.10 -2.89
N SER A 194 2.57 43.04 -3.12
CA SER A 194 1.14 43.01 -2.87
C SER A 194 0.80 41.74 -2.10
N ARG A 195 -0.10 41.84 -1.14
CA ARG A 195 -0.50 40.68 -0.36
C ARG A 195 -1.56 39.93 -1.14
N PRO A 196 -1.31 38.65 -1.46
CA PRO A 196 -2.33 37.89 -2.20
C PRO A 196 -3.55 37.63 -1.34
N PRO A 197 -4.69 37.32 -1.98
CA PRO A 197 -5.95 37.06 -1.27
C PRO A 197 -5.94 35.94 -0.23
N LEU A 198 -5.12 34.91 -0.45
CA LEU A 198 -5.06 33.80 0.51
C LEU A 198 -3.67 33.64 1.12
N VAL A 199 -3.59 33.77 2.44
CA VAL A 199 -2.34 33.59 3.18
C VAL A 199 -2.62 32.45 4.13
N HIS A 200 -1.85 31.37 4.04
CA HIS A 200 -2.06 30.24 4.92
C HIS A 200 -0.77 29.58 5.38
N CYS A 201 -0.83 28.97 6.56
CA CYS A 201 0.36 28.32 7.13
C CYS A 201 0.03 27.17 8.06
N ALA A 202 -1.17 27.18 8.64
CA ALA A 202 -1.57 26.18 9.62
C ALA A 202 -2.07 24.80 9.16
N ASN A 203 -1.54 23.77 9.82
CA ASN A 203 -1.96 22.39 9.56
C ASN A 203 -2.91 22.05 10.71
N SER A 204 -3.13 20.77 10.99
CA SER A 204 -4.04 20.43 12.08
C SER A 204 -3.59 20.92 13.46
N ALA A 205 -2.36 20.60 13.83
CA ALA A 205 -1.85 20.98 15.14
C ALA A 205 -1.86 22.50 15.39
N ALA A 206 -1.43 23.26 14.39
CA ALA A 206 -1.38 24.72 14.52
C ALA A 206 -2.77 25.36 14.58
N SER A 207 -3.69 24.87 13.78
N SER A 207 -3.69 24.85 13.78
CA SER A 207 -5.04 25.44 13.77
CA SER A 207 -5.05 25.38 13.74
C SER A 207 -5.80 25.16 15.06
C SER A 207 -5.80 25.15 15.03
N LEU A 208 -5.59 23.98 15.63
CA LEU A 208 -6.27 23.62 16.87
C LEU A 208 -5.68 24.29 18.10
N ARG A 209 -4.38 24.53 18.08
CA ARG A 209 -3.72 25.16 19.23
C ARG A 209 -3.72 26.68 19.22
N PHE A 210 -3.56 27.28 18.05
CA PHE A 210 -3.54 28.73 17.94
C PHE A 210 -4.45 29.21 16.81
N PRO A 211 -5.77 29.00 16.97
N PRO A 211 -5.77 28.99 16.96
CA PRO A 211 -6.78 29.38 15.97
CA PRO A 211 -6.77 29.38 15.95
C PRO A 211 -6.72 30.86 15.57
C PRO A 211 -6.72 30.87 15.56
N ASP A 212 -6.23 31.70 16.46
CA ASP A 212 -6.15 33.13 16.20
C ASP A 212 -4.96 33.52 15.31
N ARG A 213 -4.03 32.60 15.12
CA ARG A 213 -2.83 32.85 14.31
C ARG A 213 -2.86 32.05 13.01
N THR A 214 -4.02 31.99 12.36
CA THR A 214 -4.15 31.22 11.13
C THR A 214 -4.35 32.00 9.83
N PHE A 215 -4.34 33.32 9.92
CA PHE A 215 -4.54 34.16 8.75
C PHE A 215 -5.89 33.85 8.10
N ASN A 216 -5.96 33.69 6.78
CA ASN A 216 -7.27 33.47 6.18
C ASN A 216 -7.66 32.07 5.69
N MET A 217 -6.80 31.08 5.90
CA MET A 217 -7.14 29.72 5.47
C MET A 217 -6.26 28.71 6.16
N VAL A 218 -6.86 27.62 6.62
CA VAL A 218 -6.09 26.57 7.29
C VAL A 218 -6.17 25.30 6.43
N ARG A 219 -5.13 24.47 6.52
CA ARG A 219 -5.08 23.22 5.77
C ARG A 219 -5.23 22.11 6.80
N PHE A 220 -6.46 21.60 6.90
CA PHE A 220 -6.84 20.58 7.88
C PHE A 220 -6.68 19.14 7.38
N GLY A 221 -5.75 18.42 8.00
CA GLY A 221 -5.51 17.04 7.61
C GLY A 221 -5.82 15.96 8.62
N ILE A 222 -4.77 15.46 9.25
CA ILE A 222 -4.83 14.38 10.22
C ILE A 222 -5.99 14.45 11.22
N ALA A 223 -6.26 15.63 11.79
CA ALA A 223 -7.34 15.74 12.77
C ALA A 223 -8.73 15.57 12.17
N MET A 224 -8.84 15.75 10.86
CA MET A 224 -10.13 15.58 10.18
C MET A 224 -10.53 14.10 10.28
N TYR A 225 -9.52 13.23 10.31
CA TYR A 225 -9.75 11.79 10.40
C TYR A 225 -9.90 11.33 11.85
N GLY A 226 -9.88 12.29 12.77
CA GLY A 226 -10.03 11.98 14.18
C GLY A 226 -8.77 11.50 14.85
N LEU A 227 -7.63 11.74 14.21
CA LEU A 227 -6.34 11.33 14.73
C LEU A 227 -5.56 12.53 15.26
N ALA A 228 -4.98 12.40 16.45
CA ALA A 228 -4.22 13.49 17.05
C ALA A 228 -2.90 13.66 16.31
N PRO A 229 -2.50 14.92 16.04
CA PRO A 229 -1.26 15.22 15.33
C PRO A 229 -0.07 14.53 16.03
N SER A 230 -0.24 14.29 17.32
CA SER A 230 0.77 13.62 18.14
C SER A 230 0.12 13.37 19.50
N PRO A 231 0.40 12.22 20.13
CA PRO A 231 -0.21 11.93 21.43
C PRO A 231 0.14 13.00 22.47
N GLY A 232 1.30 13.63 22.29
CA GLY A 232 1.74 14.68 23.21
C GLY A 232 0.85 15.90 23.35
N ILE A 233 0.08 16.24 22.32
CA ILE A 233 -0.80 17.39 22.42
C ILE A 233 -2.27 17.02 22.57
N LYS A 234 -2.54 15.73 22.79
CA LYS A 234 -3.91 15.26 22.95
C LYS A 234 -4.69 16.05 24.01
N PRO A 235 -4.07 16.29 25.18
CA PRO A 235 -4.76 17.04 26.24
C PRO A 235 -4.90 18.53 25.96
N LEU A 236 -4.26 19.00 24.89
CA LEU A 236 -4.32 20.41 24.52
C LEU A 236 -5.38 20.70 23.46
N LEU A 237 -6.01 19.66 22.93
CA LEU A 237 -7.03 19.85 21.91
C LEU A 237 -8.29 20.51 22.45
N PRO A 238 -8.83 21.50 21.71
CA PRO A 238 -10.05 22.23 22.08
C PRO A 238 -11.32 21.41 22.17
N TYR A 239 -11.42 20.39 21.33
CA TYR A 239 -12.60 19.53 21.34
C TYR A 239 -12.21 18.07 21.11
N PRO A 240 -13.06 17.14 21.56
CA PRO A 240 -12.76 15.71 21.38
C PRO A 240 -12.84 15.27 19.91
N LEU A 241 -11.82 14.53 19.48
CA LEU A 241 -11.77 14.02 18.11
C LEU A 241 -12.42 12.65 18.02
N LYS A 242 -13.12 12.39 16.92
CA LYS A 242 -13.76 11.10 16.74
C LYS A 242 -13.02 10.31 15.66
N GLU A 243 -12.43 9.18 16.06
CA GLU A 243 -11.68 8.29 15.16
C GLU A 243 -12.63 7.73 14.11
N ALA A 244 -12.29 7.89 12.84
CA ALA A 244 -13.14 7.45 11.75
C ALA A 244 -12.85 6.10 11.09
N PHE A 245 -11.65 5.59 11.27
CA PHE A 245 -11.23 4.36 10.60
C PHE A 245 -11.15 3.12 11.50
N SER A 246 -11.71 2.01 11.02
N SER A 246 -11.68 2.02 10.99
CA SER A 246 -11.67 0.75 11.75
CA SER A 246 -11.67 0.76 11.70
C SER A 246 -11.41 -0.36 10.72
C SER A 246 -11.35 -0.34 10.70
N LEU A 247 -10.82 -1.46 11.17
CA LEU A 247 -10.48 -2.57 10.28
C LEU A 247 -10.92 -3.90 10.89
N HIS A 248 -11.61 -4.71 10.10
CA HIS A 248 -12.14 -5.98 10.59
C HIS A 248 -11.94 -7.15 9.63
N SER A 249 -12.10 -8.36 10.17
CA SER A 249 -11.99 -9.59 9.41
C SER A 249 -12.83 -10.66 10.11
N ARG A 250 -12.80 -11.87 9.59
CA ARG A 250 -13.56 -12.96 10.19
C ARG A 250 -12.74 -14.23 10.15
N LEU A 251 -12.99 -15.13 11.10
CA LEU A 251 -12.28 -16.40 11.13
C LEU A 251 -12.75 -17.21 9.92
N VAL A 252 -11.82 -17.77 9.15
CA VAL A 252 -12.20 -18.58 7.99
C VAL A 252 -11.82 -20.04 8.27
N HIS A 253 -11.04 -20.24 9.32
CA HIS A 253 -10.66 -21.57 9.75
C HIS A 253 -10.34 -21.58 11.24
N VAL A 254 -10.69 -22.67 11.89
CA VAL A 254 -10.45 -22.86 13.32
C VAL A 254 -10.12 -24.32 13.53
N LYS A 255 -9.04 -24.58 14.26
CA LYS A 255 -8.60 -25.95 14.52
C LYS A 255 -7.91 -26.02 15.87
N LYS A 256 -7.88 -27.22 16.45
CA LYS A 256 -7.23 -27.42 17.74
C LYS A 256 -5.89 -28.10 17.48
N LEU A 257 -4.83 -27.54 18.03
CA LEU A 257 -3.51 -28.11 17.83
C LEU A 257 -3.05 -28.89 19.06
N GLN A 258 -2.19 -29.87 18.83
CA GLN A 258 -1.65 -30.67 19.91
C GLN A 258 -0.26 -30.14 20.22
N PRO A 259 0.23 -30.36 21.44
N PRO A 259 0.23 -30.35 21.44
CA PRO A 259 1.56 -29.86 21.82
CA PRO A 259 1.56 -29.86 21.82
C PRO A 259 2.65 -30.35 20.86
C PRO A 259 2.64 -30.34 20.86
N GLY A 260 3.45 -29.42 20.37
CA GLY A 260 4.52 -29.77 19.44
C GLY A 260 4.30 -29.32 18.02
N GLU A 261 3.04 -29.15 17.61
CA GLU A 261 2.74 -28.71 16.25
C GLU A 261 3.18 -27.26 16.03
N LYS A 262 3.69 -26.97 14.84
CA LYS A 262 4.18 -25.65 14.52
C LYS A 262 3.26 -24.83 13.61
N VAL A 263 3.46 -23.52 13.60
CA VAL A 263 2.61 -22.64 12.79
C VAL A 263 3.34 -21.62 11.93
N SER A 264 2.83 -21.46 10.70
CA SER A 264 3.33 -20.50 9.70
C SER A 264 4.75 -20.71 9.19
N PHE A 265 5.19 -19.79 8.33
CA PHE A 265 6.53 -19.86 7.75
C PHE A 265 7.64 -19.88 8.77
N GLY A 266 8.66 -20.68 8.50
CA GLY A 266 9.79 -20.78 9.41
C GLY A 266 9.48 -21.66 10.61
N ALA A 267 8.22 -22.05 10.75
CA ALA A 267 7.79 -22.88 11.87
C ALA A 267 8.34 -22.30 13.16
N THR A 268 8.31 -20.97 13.24
CA THR A 268 8.84 -20.24 14.39
C THR A 268 8.00 -20.36 15.66
N TYR A 269 6.75 -20.81 15.52
CA TYR A 269 5.89 -20.94 16.70
C TYR A 269 5.49 -22.39 16.92
N THR A 270 5.51 -22.80 18.18
CA THR A 270 5.14 -24.16 18.56
C THR A 270 4.15 -24.11 19.70
N ALA A 271 3.01 -24.76 19.52
CA ALA A 271 1.99 -24.80 20.57
C ALA A 271 2.55 -25.66 21.70
N GLN A 272 2.61 -25.10 22.90
CA GLN A 272 3.12 -25.84 24.05
C GLN A 272 2.09 -26.82 24.60
N THR A 273 0.82 -26.41 24.57
CA THR A 273 -0.26 -27.26 25.06
C THR A 273 -1.38 -27.33 24.02
N GLU A 274 -2.49 -27.93 24.41
CA GLU A 274 -3.63 -28.04 23.51
C GLU A 274 -4.27 -26.67 23.40
N GLU A 275 -4.24 -26.08 22.22
CA GLU A 275 -4.80 -24.75 22.03
C GLU A 275 -5.48 -24.59 20.68
N TRP A 276 -6.44 -23.67 20.62
CA TRP A 276 -7.17 -23.41 19.41
C TRP A 276 -6.57 -22.26 18.60
N ILE A 277 -6.37 -22.52 17.31
CA ILE A 277 -5.79 -21.55 16.38
C ILE A 277 -6.80 -21.10 15.33
N GLY A 278 -6.89 -19.79 15.15
CA GLY A 278 -7.80 -19.27 14.15
C GLY A 278 -7.01 -18.64 13.02
N THR A 279 -7.54 -18.72 11.80
CA THR A 279 -6.86 -18.13 10.65
C THR A 279 -7.75 -17.05 10.06
N ILE A 280 -7.19 -15.86 9.85
CA ILE A 280 -7.96 -14.77 9.26
C ILE A 280 -7.37 -14.39 7.91
N PRO A 281 -8.22 -13.98 6.97
CA PRO A 281 -7.80 -13.60 5.61
C PRO A 281 -7.25 -12.17 5.46
N ILE A 282 -6.17 -11.87 6.17
CA ILE A 282 -5.53 -10.56 6.04
C ILE A 282 -4.04 -10.79 6.28
N GLY A 283 -3.21 -10.15 5.45
CA GLY A 283 -1.78 -10.33 5.58
C GLY A 283 -1.02 -9.07 5.23
N TYR A 284 0.29 -9.20 5.04
CA TYR A 284 1.08 -8.00 4.75
C TYR A 284 0.82 -7.33 3.40
N ALA A 285 0.21 -8.04 2.45
CA ALA A 285 -0.11 -7.42 1.15
C ALA A 285 -1.33 -6.53 1.33
N ASP A 286 -1.93 -6.58 2.53
CA ASP A 286 -3.09 -5.76 2.84
C ASP A 286 -2.68 -4.59 3.72
N GLY A 287 -1.40 -4.51 4.03
CA GLY A 287 -0.91 -3.43 4.87
C GLY A 287 -0.71 -3.87 6.31
N TRP A 288 -1.01 -5.14 6.61
CA TRP A 288 -0.83 -5.65 7.97
C TRP A 288 0.59 -6.24 7.95
N LEU A 289 1.57 -5.34 8.06
CA LEU A 289 2.98 -5.67 7.97
C LEU A 289 3.53 -6.75 8.89
N ARG A 290 4.56 -7.44 8.41
CA ARG A 290 5.18 -8.53 9.14
C ARG A 290 5.66 -8.14 10.54
N ARG A 291 6.09 -6.89 10.68
CA ARG A 291 6.57 -6.39 11.97
C ARG A 291 5.51 -6.47 13.08
N LEU A 292 4.25 -6.67 12.70
CA LEU A 292 3.17 -6.77 13.68
C LEU A 292 2.98 -8.19 14.23
N GLN A 293 3.97 -9.05 14.02
CA GLN A 293 3.86 -10.44 14.45
C GLN A 293 3.75 -10.67 15.96
N HIS A 294 4.16 -9.68 16.76
CA HIS A 294 4.07 -9.85 18.21
C HIS A 294 2.90 -9.06 18.78
N PHE A 295 2.03 -8.59 17.89
CA PHE A 295 0.87 -7.80 18.28
C PHE A 295 -0.33 -8.70 18.54
N HIS A 296 -1.52 -8.13 18.66
CA HIS A 296 -2.72 -8.92 18.91
C HIS A 296 -3.94 -8.31 18.24
N VAL A 297 -5.01 -9.08 18.18
CA VAL A 297 -6.27 -8.62 17.60
C VAL A 297 -7.38 -8.85 18.62
N LEU A 298 -8.60 -8.42 18.29
CA LEU A 298 -9.73 -8.59 19.18
C LEU A 298 -10.72 -9.60 18.61
N VAL A 299 -11.13 -10.55 19.44
CA VAL A 299 -12.09 -11.54 19.00
C VAL A 299 -12.97 -11.90 20.20
N ASP A 300 -14.28 -11.75 20.01
CA ASP A 300 -15.25 -12.04 21.05
C ASP A 300 -14.98 -11.15 22.28
N GLY A 301 -14.55 -9.92 22.02
CA GLY A 301 -14.27 -8.98 23.10
C GLY A 301 -13.01 -9.24 23.89
N GLN A 302 -12.18 -10.14 23.39
CA GLN A 302 -10.94 -10.48 24.08
C GLN A 302 -9.71 -10.35 23.18
N LYS A 303 -8.55 -10.15 23.80
CA LYS A 303 -7.31 -10.02 23.06
C LYS A 303 -6.79 -11.40 22.66
N ALA A 304 -6.44 -11.54 21.39
CA ALA A 304 -5.92 -12.78 20.86
C ALA A 304 -4.60 -12.46 20.17
N PRO A 305 -3.48 -13.01 20.67
CA PRO A 305 -2.16 -12.74 20.08
C PRO A 305 -1.95 -13.40 18.72
N ILE A 306 -1.19 -12.72 17.87
CA ILE A 306 -0.89 -13.25 16.56
C ILE A 306 0.19 -14.30 16.82
N VAL A 307 0.06 -15.46 16.19
CA VAL A 307 1.02 -16.53 16.38
C VAL A 307 1.83 -16.83 15.12
N GLY A 308 3.15 -16.88 15.26
CA GLY A 308 4.00 -17.16 14.13
C GLY A 308 4.13 -15.95 13.22
N ARG A 309 4.72 -16.16 12.06
CA ARG A 309 4.90 -15.07 11.11
C ARG A 309 3.64 -14.76 10.32
N ILE A 310 3.47 -13.48 10.00
CA ILE A 310 2.32 -13.03 9.24
C ILE A 310 2.61 -13.35 7.77
N CYS A 311 1.61 -13.87 7.06
CA CYS A 311 1.77 -14.22 5.66
C CYS A 311 1.29 -13.10 4.75
N MET A 312 1.44 -13.30 3.44
N MET A 312 1.44 -13.28 3.44
CA MET A 312 1.03 -12.29 2.46
CA MET A 312 1.03 -12.24 2.50
C MET A 312 -0.46 -11.98 2.50
C MET A 312 -0.47 -11.97 2.50
N ASP A 313 -1.28 -13.02 2.66
CA ASP A 313 -2.73 -12.85 2.64
C ASP A 313 -3.48 -13.31 3.88
N GLN A 314 -2.75 -13.89 4.84
CA GLN A 314 -3.40 -14.37 6.03
C GLN A 314 -2.46 -14.46 7.21
N CYS A 315 -3.03 -14.63 8.39
CA CYS A 315 -2.21 -14.80 9.59
C CYS A 315 -3.02 -15.58 10.60
N MET A 316 -2.33 -16.14 11.58
CA MET A 316 -2.97 -16.97 12.59
C MET A 316 -2.91 -16.34 13.98
N ILE A 317 -3.93 -16.64 14.78
CA ILE A 317 -4.01 -16.12 16.14
C ILE A 317 -4.43 -17.21 17.10
N ARG A 318 -3.97 -17.10 18.34
CA ARG A 318 -4.33 -18.05 19.38
C ARG A 318 -5.69 -17.65 19.93
N LEU A 319 -6.65 -18.56 19.82
CA LEU A 319 -8.00 -18.31 20.32
C LEU A 319 -8.09 -18.73 21.77
N PRO A 320 -8.96 -18.09 22.55
CA PRO A 320 -9.09 -18.47 23.96
C PRO A 320 -9.57 -19.91 24.04
N GLY A 321 -10.49 -20.24 23.14
CA GLY A 321 -11.03 -21.59 23.07
C GLY A 321 -11.67 -21.79 21.72
N PRO A 322 -12.53 -22.81 21.55
CA PRO A 322 -13.17 -23.02 20.26
C PRO A 322 -14.23 -21.98 19.91
N LEU A 323 -14.09 -21.36 18.76
CA LEU A 323 -15.05 -20.36 18.29
C LEU A 323 -15.49 -20.78 16.90
N PRO A 324 -16.70 -20.36 16.48
CA PRO A 324 -17.22 -20.72 15.17
C PRO A 324 -16.61 -19.92 14.02
N VAL A 325 -16.49 -20.56 12.86
CA VAL A 325 -15.95 -19.90 11.70
C VAL A 325 -16.92 -18.76 11.39
N GLY A 326 -16.38 -17.61 10.99
CA GLY A 326 -17.24 -16.49 10.70
C GLY A 326 -17.24 -15.48 11.84
N THR A 327 -16.67 -15.86 12.97
CA THR A 327 -16.59 -14.97 14.13
C THR A 327 -15.81 -13.72 13.73
N LYS A 328 -16.42 -12.56 13.94
CA LYS A 328 -15.78 -11.29 13.60
C LYS A 328 -14.53 -11.01 14.42
N VAL A 329 -13.48 -10.54 13.75
CA VAL A 329 -12.22 -10.20 14.38
C VAL A 329 -11.98 -8.72 14.09
N THR A 330 -11.52 -7.98 15.10
CA THR A 330 -11.26 -6.55 14.90
C THR A 330 -9.78 -6.27 15.08
N LEU A 331 -9.18 -5.73 14.01
CA LEU A 331 -7.75 -5.40 14.00
C LEU A 331 -7.52 -3.99 14.49
N ILE A 332 -8.44 -3.10 14.12
CA ILE A 332 -8.39 -1.70 14.54
C ILE A 332 -9.81 -1.33 14.90
N GLY A 333 -10.04 -0.98 16.16
CA GLY A 333 -11.38 -0.62 16.56
C GLY A 333 -11.75 -1.14 17.93
N ARG A 334 -13.04 -1.16 18.21
CA ARG A 334 -13.55 -1.60 19.50
C ARG A 334 -14.43 -2.86 19.49
N GLN A 335 -14.24 -3.68 20.51
CA GLN A 335 -15.03 -4.89 20.70
C GLN A 335 -15.23 -5.01 22.21
N GLY A 336 -16.48 -4.91 22.65
CA GLY A 336 -16.76 -5.00 24.08
C GLY A 336 -16.10 -3.86 24.83
N ASP A 337 -15.22 -4.19 25.77
CA ASP A 337 -14.52 -3.17 26.56
C ASP A 337 -13.08 -2.99 26.09
N GLU A 338 -12.69 -3.74 25.07
CA GLU A 338 -11.34 -3.65 24.53
C GLU A 338 -11.28 -2.73 23.31
N VAL A 339 -10.16 -2.05 23.15
CA VAL A 339 -9.99 -1.16 22.02
C VAL A 339 -8.58 -1.22 21.47
N ILE A 340 -8.47 -1.11 20.15
CA ILE A 340 -7.19 -1.07 19.48
C ILE A 340 -7.33 0.16 18.59
N SER A 341 -6.52 1.18 18.90
CA SER A 341 -6.57 2.42 18.14
C SER A 341 -5.44 2.44 17.15
N ILE A 342 -5.52 3.35 16.19
CA ILE A 342 -4.45 3.45 15.21
C ILE A 342 -3.15 3.78 15.92
N ASP A 343 -3.23 4.59 16.98
N ASP A 343 -3.24 4.57 16.98
CA ASP A 343 -2.02 4.94 17.72
CA ASP A 343 -2.06 4.95 17.75
C ASP A 343 -1.35 3.71 18.31
C ASP A 343 -1.37 3.74 18.36
N ASP A 344 -2.15 2.71 18.70
CA ASP A 344 -1.60 1.48 19.27
C ASP A 344 -0.81 0.75 18.18
N VAL A 345 -1.41 0.62 17.01
CA VAL A 345 -0.74 -0.06 15.90
C VAL A 345 0.54 0.69 15.54
N ALA A 346 0.45 2.02 15.51
CA ALA A 346 1.60 2.85 15.17
C ALA A 346 2.76 2.60 16.14
N ARG A 347 2.42 2.47 17.42
N ARG A 347 2.43 2.50 17.42
CA ARG A 347 3.42 2.21 18.45
CA ARG A 347 3.44 2.25 18.44
C ARG A 347 4.20 0.93 18.14
C ARG A 347 4.17 0.93 18.21
N HIS A 348 3.48 -0.16 17.90
N HIS A 348 3.43 -0.11 17.84
CA HIS A 348 4.15 -1.43 17.62
CA HIS A 348 4.05 -1.41 17.60
C HIS A 348 4.86 -1.47 16.27
C HIS A 348 4.87 -1.43 16.31
N LEU A 349 4.44 -0.63 15.33
CA LEU A 349 5.12 -0.57 14.04
C LEU A 349 6.25 0.44 14.18
N GLU A 350 6.27 1.12 15.33
CA GLU A 350 7.26 2.15 15.60
C GLU A 350 7.25 3.22 14.52
N THR A 351 6.07 3.79 14.30
CA THR A 351 5.92 4.85 13.31
C THR A 351 4.87 5.80 13.86
N ILE A 352 4.34 6.69 13.00
CA ILE A 352 3.33 7.64 13.45
C ILE A 352 1.96 7.23 12.92
N ASN A 353 0.90 7.71 13.55
CA ASN A 353 -0.43 7.32 13.10
C ASN A 353 -0.70 7.62 11.63
N TYR A 354 -0.13 8.71 11.10
CA TYR A 354 -0.32 9.06 9.70
C TYR A 354 -0.05 7.90 8.74
N GLU A 355 1.01 7.15 9.01
CA GLU A 355 1.41 6.08 8.12
C GLU A 355 0.53 4.83 8.09
N VAL A 356 -0.17 4.55 9.19
CA VAL A 356 -1.01 3.36 9.26
C VAL A 356 -2.17 3.26 8.26
N PRO A 357 -3.11 4.21 8.27
CA PRO A 357 -4.20 4.08 7.30
C PRO A 357 -3.74 4.15 5.84
N CYS A 358 -2.67 4.89 5.58
CA CYS A 358 -2.13 5.00 4.22
C CYS A 358 -1.57 3.67 3.72
N THR A 359 -1.16 2.82 4.64
CA THR A 359 -0.57 1.53 4.27
C THR A 359 -1.57 0.40 4.08
N ILE A 360 -2.80 0.59 4.56
CA ILE A 360 -3.83 -0.44 4.37
C ILE A 360 -4.09 -0.34 2.87
N SER A 361 -3.69 -1.38 2.16
CA SER A 361 -3.74 -1.39 0.70
C SER A 361 -5.06 -1.29 -0.06
N TYR A 362 -4.92 -1.05 -1.35
CA TYR A 362 -6.01 -0.93 -2.30
C TYR A 362 -6.85 -2.20 -2.25
N ARG A 363 -6.23 -3.28 -1.77
CA ARG A 363 -6.88 -4.58 -1.71
C ARG A 363 -8.01 -4.67 -0.71
N VAL A 364 -7.98 -3.82 0.32
CA VAL A 364 -9.01 -3.84 1.35
C VAL A 364 -10.15 -2.87 1.04
N PRO A 365 -11.37 -3.40 0.88
N PRO A 365 -11.37 -3.40 0.88
CA PRO A 365 -12.52 -2.54 0.59
CA PRO A 365 -12.51 -2.54 0.58
C PRO A 365 -12.84 -1.58 1.74
C PRO A 365 -12.85 -1.59 1.73
N ARG A 366 -13.39 -0.42 1.39
CA ARG A 366 -13.79 0.56 2.39
C ARG A 366 -15.31 0.63 2.39
N ILE A 367 -15.92 0.47 3.56
CA ILE A 367 -17.38 0.58 3.68
C ILE A 367 -17.62 1.91 4.39
N PHE A 368 -18.43 2.76 3.78
CA PHE A 368 -18.71 4.07 4.33
C PHE A 368 -20.03 4.15 5.08
N PHE A 369 -19.99 4.75 6.28
CA PHE A 369 -21.19 4.91 7.09
C PHE A 369 -21.53 6.39 7.24
N ARG A 370 -22.81 6.70 7.07
CA ARG A 370 -23.29 8.07 7.23
C ARG A 370 -24.65 7.93 7.89
N HIS A 371 -24.86 8.66 8.99
CA HIS A 371 -26.12 8.58 9.73
C HIS A 371 -26.34 7.18 10.28
N LYS A 372 -25.26 6.56 10.74
CA LYS A 372 -25.30 5.23 11.32
C LYS A 372 -25.79 4.12 10.38
N ARG A 373 -25.67 4.34 9.08
CA ARG A 373 -26.08 3.34 8.09
C ARG A 373 -25.08 3.30 6.95
N ILE A 374 -25.00 2.17 6.25
CA ILE A 374 -24.07 2.02 5.14
C ILE A 374 -24.50 2.90 3.97
N MET A 375 -23.59 3.76 3.51
CA MET A 375 -23.88 4.65 2.40
C MET A 375 -23.35 4.07 1.09
N GLU A 376 -22.17 3.49 1.13
CA GLU A 376 -21.58 2.89 -0.06
C GLU A 376 -20.37 2.04 0.26
N VAL A 377 -20.02 1.19 -0.69
CA VAL A 377 -18.87 0.30 -0.56
C VAL A 377 -17.93 0.55 -1.71
N ARG A 378 -16.65 0.71 -1.39
CA ARG A 378 -15.64 0.97 -2.40
C ARG A 378 -14.62 -0.16 -2.41
N ASN A 379 -14.59 -0.90 -3.51
CA ASN A 379 -13.66 -2.01 -3.69
C ASN A 379 -12.80 -1.64 -4.89
N ALA A 380 -11.54 -1.27 -4.65
CA ALA A 380 -10.62 -0.86 -5.71
C ALA A 380 -10.42 -1.87 -6.83
N ILE A 381 -10.60 -3.15 -6.54
CA ILE A 381 -10.42 -4.17 -7.57
C ILE A 381 -11.74 -4.87 -7.88
N GLY A 382 -12.84 -4.18 -7.63
CA GLY A 382 -14.15 -4.76 -7.89
C GLY A 382 -14.51 -4.71 -9.37
N ARG A 383 -15.58 -5.41 -9.73
CA ARG A 383 -16.02 -5.46 -11.12
C ARG A 383 -16.50 -4.09 -11.60
N ASN B 2 -2.21 4.48 -20.63
CA ASN B 2 -2.44 5.54 -19.60
C ASN B 2 -1.32 6.56 -19.60
N ASP B 3 -1.40 7.49 -18.65
CA ASP B 3 -0.41 8.53 -18.49
C ASP B 3 -0.37 8.89 -17.01
N PHE B 4 0.67 9.59 -16.59
CA PHE B 4 0.78 9.98 -15.19
C PHE B 4 1.40 11.36 -15.12
N HIS B 5 1.08 12.12 -14.08
CA HIS B 5 1.56 13.49 -13.96
C HIS B 5 2.47 13.85 -12.79
N ARG B 6 3.20 12.85 -12.31
N ARG B 6 3.19 12.84 -12.30
CA ARG B 6 4.13 13.01 -11.21
CA ARG B 6 4.15 13.04 -11.24
C ARG B 6 5.39 12.25 -11.62
C ARG B 6 5.39 12.28 -11.68
N ASP B 7 6.56 12.83 -11.40
CA ASP B 7 7.81 12.18 -11.80
C ASP B 7 8.32 11.04 -10.91
N THR B 8 7.45 10.09 -10.62
CA THR B 8 7.82 8.94 -9.82
C THR B 8 7.13 7.76 -10.47
N TRP B 9 7.90 6.71 -10.74
CA TRP B 9 7.33 5.54 -11.39
C TRP B 9 8.13 4.28 -11.14
N ALA B 10 7.46 3.15 -11.34
CA ALA B 10 8.09 1.85 -11.18
C ALA B 10 8.18 1.28 -12.60
N GLU B 11 9.22 0.50 -12.86
CA GLU B 11 9.38 -0.13 -14.16
C GLU B 11 9.37 -1.64 -13.95
N VAL B 12 8.62 -2.35 -14.78
CA VAL B 12 8.55 -3.80 -14.67
C VAL B 12 9.07 -4.41 -15.96
N ASP B 13 10.14 -5.17 -15.86
CA ASP B 13 10.74 -5.81 -17.03
C ASP B 13 10.10 -7.16 -17.28
N LEU B 14 9.12 -7.20 -18.16
CA LEU B 14 8.44 -8.43 -18.47
C LEU B 14 9.36 -9.45 -19.13
N ASP B 15 10.45 -9.00 -19.75
CA ASP B 15 11.38 -9.94 -20.37
C ASP B 15 12.04 -10.78 -19.27
N ALA B 16 12.29 -10.16 -18.13
CA ALA B 16 12.90 -10.86 -17.00
C ALA B 16 11.92 -11.93 -16.51
N ILE B 17 10.65 -11.55 -16.41
CA ILE B 17 9.64 -12.49 -15.97
C ILE B 17 9.54 -13.65 -16.96
N TYR B 18 9.51 -13.32 -18.25
CA TYR B 18 9.43 -14.35 -19.28
C TYR B 18 10.58 -15.36 -19.11
N ASP B 19 11.81 -14.85 -19.03
CA ASP B 19 12.97 -15.70 -18.87
C ASP B 19 12.94 -16.57 -17.61
N ASN B 20 12.55 -15.99 -16.49
CA ASN B 20 12.49 -16.77 -15.25
C ASN B 20 11.54 -17.96 -15.37
N VAL B 21 10.42 -17.76 -16.04
CA VAL B 21 9.45 -18.82 -16.22
C VAL B 21 9.91 -19.84 -17.27
N GLU B 22 10.40 -19.35 -18.40
CA GLU B 22 10.85 -20.25 -19.46
C GLU B 22 11.96 -21.18 -18.98
N ASN B 23 12.86 -20.66 -18.14
CA ASN B 23 13.95 -21.48 -17.60
C ASN B 23 13.45 -22.63 -16.75
N LEU B 24 12.35 -22.40 -16.03
CA LEU B 24 11.76 -23.45 -15.19
C LEU B 24 11.08 -24.48 -16.08
N ARG B 25 10.45 -23.98 -17.15
CA ARG B 25 9.74 -24.83 -18.10
C ARG B 25 10.69 -25.87 -18.70
N ARG B 26 11.95 -25.46 -18.88
CA ARG B 26 12.96 -26.35 -19.45
C ARG B 26 13.55 -27.32 -18.43
N LEU B 27 13.30 -27.08 -17.16
N LEU B 27 13.29 -27.07 -17.15
CA LEU B 27 13.82 -27.97 -16.11
CA LEU B 27 13.81 -27.92 -16.08
C LEU B 27 12.79 -29.00 -15.69
C LEU B 27 12.78 -28.97 -15.64
N LEU B 28 11.52 -28.71 -15.95
CA LEU B 28 10.43 -29.62 -15.58
C LEU B 28 10.07 -30.63 -16.67
N PRO B 29 9.40 -31.73 -16.27
CA PRO B 29 8.96 -32.78 -17.18
C PRO B 29 7.81 -32.27 -18.04
N ASP B 30 7.72 -32.76 -19.28
CA ASP B 30 6.68 -32.33 -20.22
C ASP B 30 5.24 -32.39 -19.72
N ASP B 31 4.98 -33.20 -18.70
CA ASP B 31 3.61 -33.31 -18.20
C ASP B 31 3.34 -32.48 -16.96
N THR B 32 4.37 -31.80 -16.45
CA THR B 32 4.21 -30.99 -15.26
C THR B 32 3.81 -29.56 -15.62
N HIS B 33 2.70 -29.11 -15.06
CA HIS B 33 2.20 -27.77 -15.32
C HIS B 33 2.85 -26.75 -14.41
N ILE B 34 2.94 -25.52 -14.89
CA ILE B 34 3.45 -24.43 -14.09
C ILE B 34 2.26 -23.53 -13.82
N MET B 35 1.94 -23.35 -12.54
CA MET B 35 0.84 -22.47 -12.16
C MET B 35 1.52 -21.20 -11.65
N ALA B 36 1.38 -20.11 -12.39
CA ALA B 36 1.99 -18.83 -12.00
C ALA B 36 1.18 -18.18 -10.89
N VAL B 37 1.83 -17.81 -9.79
CA VAL B 37 1.16 -17.20 -8.66
C VAL B 37 1.20 -15.68 -8.83
N VAL B 38 0.03 -15.09 -9.09
CA VAL B 38 -0.09 -13.66 -9.32
C VAL B 38 -1.01 -12.94 -8.34
N LYS B 39 -1.10 -13.46 -7.11
N LYS B 39 -1.07 -13.45 -7.11
CA LYS B 39 -1.93 -12.81 -6.12
CA LYS B 39 -1.89 -12.83 -6.08
C LYS B 39 -1.29 -11.50 -5.70
C LYS B 39 -1.27 -11.49 -5.69
N ALA B 40 -2.06 -10.63 -5.05
CA ALA B 40 -1.56 -9.33 -4.63
C ALA B 40 -1.08 -8.50 -5.82
N ASN B 41 -1.85 -8.50 -6.90
CA ASN B 41 -1.54 -7.77 -8.12
C ASN B 41 -0.16 -8.20 -8.62
N ALA B 42 0.04 -9.52 -8.68
CA ALA B 42 1.31 -10.11 -9.10
C ALA B 42 2.46 -9.58 -8.24
N TYR B 43 2.30 -9.71 -6.93
CA TYR B 43 3.32 -9.26 -5.98
C TYR B 43 3.72 -7.82 -6.29
N GLY B 44 2.72 -6.99 -6.57
CA GLY B 44 2.96 -5.59 -6.86
C GLY B 44 3.50 -5.27 -8.25
N HIS B 45 3.64 -6.28 -9.10
CA HIS B 45 4.16 -6.05 -10.45
C HIS B 45 3.10 -5.76 -11.52
N GLY B 46 1.84 -6.12 -11.26
CA GLY B 46 0.79 -5.89 -12.26
C GLY B 46 0.18 -7.23 -12.65
N ASP B 47 -1.00 -7.53 -12.11
CA ASP B 47 -1.65 -8.81 -12.37
C ASP B 47 -1.81 -9.30 -13.81
N VAL B 48 -2.49 -8.54 -14.65
CA VAL B 48 -2.71 -9.01 -16.02
C VAL B 48 -1.44 -9.05 -16.88
N GLN B 49 -0.57 -8.06 -16.72
CA GLN B 49 0.66 -8.00 -17.50
C GLN B 49 1.56 -9.21 -17.19
N VAL B 50 1.70 -9.54 -15.91
CA VAL B 50 2.52 -10.68 -15.52
C VAL B 50 1.86 -12.00 -15.94
N ALA B 51 0.55 -12.10 -15.72
CA ALA B 51 -0.19 -13.32 -16.07
C ALA B 51 -0.02 -13.65 -17.55
N ARG B 52 -0.26 -12.65 -18.40
CA ARG B 52 -0.15 -12.81 -19.84
C ARG B 52 1.25 -13.29 -20.22
N THR B 53 2.26 -12.60 -19.70
CA THR B 53 3.65 -12.95 -19.97
C THR B 53 3.99 -14.37 -19.51
N ALA B 54 3.54 -14.73 -18.32
CA ALA B 54 3.80 -16.06 -17.78
C ALA B 54 3.18 -17.14 -18.65
N LEU B 55 1.98 -16.87 -19.15
CA LEU B 55 1.29 -17.84 -20.01
C LEU B 55 2.05 -18.04 -21.32
N GLU B 56 2.56 -16.95 -21.89
N GLU B 56 2.56 -16.94 -21.86
CA GLU B 56 3.31 -17.06 -23.14
CA GLU B 56 3.32 -16.99 -23.12
C GLU B 56 4.60 -17.83 -22.90
C GLU B 56 4.62 -17.76 -22.91
N ALA B 57 5.18 -17.66 -21.71
CA ALA B 57 6.43 -18.34 -21.37
C ALA B 57 6.31 -19.83 -21.05
N GLY B 58 5.10 -20.33 -20.85
CA GLY B 58 4.97 -21.75 -20.55
C GLY B 58 4.09 -22.15 -19.40
N ALA B 59 3.58 -21.18 -18.64
CA ALA B 59 2.70 -21.50 -17.54
C ALA B 59 1.36 -21.83 -18.17
N SER B 60 0.56 -22.66 -17.51
CA SER B 60 -0.74 -23.03 -18.07
C SER B 60 -1.90 -22.64 -17.16
N ARG B 61 -1.61 -22.32 -15.91
CA ARG B 61 -2.65 -21.93 -14.97
C ARG B 61 -2.18 -20.76 -14.09
N LEU B 62 -3.12 -20.13 -13.39
CA LEU B 62 -2.79 -18.99 -12.53
C LEU B 62 -3.41 -19.21 -11.15
N ALA B 63 -2.85 -18.56 -10.14
CA ALA B 63 -3.37 -18.67 -8.79
C ALA B 63 -3.46 -17.29 -8.17
N VAL B 64 -4.51 -17.05 -7.39
CA VAL B 64 -4.70 -15.77 -6.72
C VAL B 64 -5.07 -16.05 -5.25
N ALA B 65 -5.09 -15.00 -4.44
CA ALA B 65 -5.40 -15.16 -3.02
C ALA B 65 -6.87 -15.31 -2.66
N PHE B 66 -7.73 -14.53 -3.30
CA PHE B 66 -9.16 -14.60 -3.01
C PHE B 66 -9.98 -14.31 -4.26
N LEU B 67 -11.28 -14.56 -4.20
CA LEU B 67 -12.15 -14.39 -5.36
C LEU B 67 -12.08 -13.08 -6.14
N ASP B 68 -12.03 -11.94 -5.45
CA ASP B 68 -11.99 -10.66 -6.16
C ASP B 68 -10.81 -10.57 -7.13
N GLU B 69 -9.66 -11.10 -6.73
CA GLU B 69 -8.49 -11.05 -7.59
C GLU B 69 -8.71 -11.92 -8.84
N ALA B 70 -9.42 -13.03 -8.67
CA ALA B 70 -9.69 -13.91 -9.80
C ALA B 70 -10.68 -13.23 -10.75
N LEU B 71 -11.71 -12.60 -10.19
CA LEU B 71 -12.71 -11.91 -11.01
C LEU B 71 -12.09 -10.75 -11.78
N ALA B 72 -11.09 -10.10 -11.17
CA ALA B 72 -10.41 -8.98 -11.82
C ALA B 72 -9.66 -9.45 -13.06
N LEU B 73 -8.99 -10.60 -12.96
CA LEU B 73 -8.25 -11.13 -14.10
C LEU B 73 -9.21 -11.51 -15.24
N ARG B 74 -10.34 -12.10 -14.88
CA ARG B 74 -11.34 -12.48 -15.87
C ARG B 74 -11.88 -11.25 -16.59
N GLU B 75 -12.10 -10.18 -15.84
CA GLU B 75 -12.63 -8.95 -16.37
C GLU B 75 -11.63 -8.26 -17.28
N LYS B 76 -10.34 -8.56 -17.09
CA LYS B 76 -9.29 -7.96 -17.89
C LYS B 76 -8.90 -8.80 -19.11
N GLY B 77 -9.67 -9.84 -19.39
CA GLY B 77 -9.40 -10.66 -20.56
C GLY B 77 -8.73 -12.02 -20.39
N ILE B 78 -8.17 -12.32 -19.22
CA ILE B 78 -7.53 -13.61 -19.03
C ILE B 78 -8.58 -14.72 -19.01
N GLU B 79 -8.37 -15.74 -19.82
CA GLU B 79 -9.31 -16.86 -19.92
C GLU B 79 -8.71 -18.18 -19.45
N ALA B 80 -7.43 -18.15 -19.05
CA ALA B 80 -6.77 -19.36 -18.59
C ALA B 80 -7.35 -19.77 -17.23
N PRO B 81 -7.15 -21.04 -16.83
CA PRO B 81 -7.69 -21.50 -15.54
C PRO B 81 -7.11 -20.70 -14.38
N ILE B 82 -7.93 -20.46 -13.36
CA ILE B 82 -7.51 -19.73 -12.17
C ILE B 82 -7.94 -20.43 -10.89
N LEU B 83 -7.01 -20.62 -9.97
CA LEU B 83 -7.33 -21.25 -8.69
C LEU B 83 -7.23 -20.23 -7.56
N VAL B 84 -8.25 -20.20 -6.71
CA VAL B 84 -8.25 -19.31 -5.54
C VAL B 84 -7.61 -20.15 -4.42
N LEU B 85 -6.47 -19.68 -3.92
CA LEU B 85 -5.74 -20.39 -2.88
C LEU B 85 -6.31 -20.24 -1.48
N GLY B 86 -7.00 -19.13 -1.23
CA GLY B 86 -7.56 -18.88 0.09
C GLY B 86 -9.02 -19.24 0.27
N ALA B 87 -9.61 -18.75 1.35
CA ALA B 87 -11.01 -19.03 1.66
C ALA B 87 -11.99 -18.23 0.83
N SER B 88 -13.21 -18.74 0.73
CA SER B 88 -14.29 -18.08 -0.01
C SER B 88 -15.60 -18.40 0.69
N ARG B 89 -16.66 -17.70 0.32
CA ARG B 89 -17.98 -17.92 0.92
C ARG B 89 -18.79 -18.95 0.14
N PRO B 90 -19.49 -19.84 0.85
CA PRO B 90 -20.31 -20.86 0.18
C PRO B 90 -21.29 -20.22 -0.80
N ALA B 91 -21.80 -19.05 -0.43
CA ALA B 91 -22.74 -18.32 -1.26
C ALA B 91 -22.13 -17.85 -2.59
N ASP B 92 -20.81 -17.78 -2.66
CA ASP B 92 -20.15 -17.33 -3.88
C ASP B 92 -19.75 -18.45 -4.83
N ALA B 93 -20.07 -19.69 -4.47
CA ALA B 93 -19.72 -20.83 -5.31
C ALA B 93 -20.28 -20.67 -6.73
N ALA B 94 -21.54 -20.23 -6.82
CA ALA B 94 -22.20 -20.04 -8.11
C ALA B 94 -21.45 -19.04 -8.97
N LEU B 95 -21.01 -17.94 -8.35
CA LEU B 95 -20.27 -16.91 -9.06
C LEU B 95 -18.96 -17.49 -9.58
N ALA B 96 -18.28 -18.27 -8.73
CA ALA B 96 -17.01 -18.87 -9.12
C ALA B 96 -17.19 -19.85 -10.28
N ALA B 97 -18.25 -20.66 -10.22
CA ALA B 97 -18.53 -21.64 -11.26
C ALA B 97 -18.78 -20.98 -12.60
N GLN B 98 -19.58 -19.92 -12.59
CA GLN B 98 -19.93 -19.20 -13.81
C GLN B 98 -18.69 -18.60 -14.47
N GLN B 99 -17.75 -18.12 -13.68
CA GLN B 99 -16.52 -17.50 -14.21
C GLN B 99 -15.41 -18.52 -14.38
N ARG B 100 -15.73 -19.79 -14.19
CA ARG B 100 -14.76 -20.86 -14.34
C ARG B 100 -13.53 -20.68 -13.45
N ILE B 101 -13.79 -20.43 -12.16
CA ILE B 101 -12.72 -20.25 -11.19
C ILE B 101 -12.73 -21.44 -10.24
N ALA B 102 -11.57 -22.06 -10.06
CA ALA B 102 -11.46 -23.20 -9.17
C ALA B 102 -11.31 -22.68 -7.74
N LEU B 103 -11.89 -23.41 -6.78
CA LEU B 103 -11.84 -23.00 -5.38
C LEU B 103 -11.14 -24.00 -4.48
N THR B 104 -10.47 -23.48 -3.46
CA THR B 104 -9.78 -24.31 -2.48
C THR B 104 -10.83 -24.65 -1.42
N VAL B 105 -10.81 -25.90 -0.94
CA VAL B 105 -11.76 -26.33 0.08
C VAL B 105 -11.00 -27.11 1.16
N PHE B 106 -11.46 -27.02 2.40
CA PHE B 106 -10.79 -27.70 3.50
C PHE B 106 -11.67 -27.96 4.72
N ARG B 107 -12.97 -27.74 4.60
CA ARG B 107 -13.90 -27.97 5.70
C ARG B 107 -15.17 -28.63 5.17
N SER B 108 -15.66 -29.65 5.86
CA SER B 108 -16.88 -30.30 5.41
C SER B 108 -18.10 -29.40 5.61
N ASP B 109 -18.13 -28.61 6.68
CA ASP B 109 -19.31 -27.77 6.87
C ASP B 109 -19.45 -26.75 5.75
N TRP B 110 -18.33 -26.39 5.12
CA TRP B 110 -18.33 -25.44 4.00
C TRP B 110 -19.09 -26.06 2.83
N LEU B 111 -18.76 -27.31 2.53
CA LEU B 111 -19.39 -28.04 1.43
C LEU B 111 -20.87 -28.30 1.67
N GLU B 112 -21.24 -28.59 2.91
CA GLU B 112 -22.64 -28.83 3.23
C GLU B 112 -23.46 -27.58 2.88
N GLU B 113 -22.94 -26.42 3.23
CA GLU B 113 -23.65 -25.17 2.94
C GLU B 113 -23.67 -24.94 1.44
N ALA B 114 -22.52 -25.13 0.79
CA ALA B 114 -22.42 -24.93 -0.65
C ALA B 114 -23.41 -25.83 -1.40
N SER B 115 -23.49 -27.09 -0.98
CA SER B 115 -24.39 -28.05 -1.61
C SER B 115 -25.84 -27.55 -1.56
N ALA B 116 -26.23 -27.04 -0.41
CA ALA B 116 -27.59 -26.54 -0.23
C ALA B 116 -27.91 -25.29 -1.04
N LEU B 117 -26.88 -24.51 -1.37
CA LEU B 117 -27.10 -23.28 -2.11
C LEU B 117 -26.86 -23.35 -3.62
N TYR B 118 -26.16 -24.40 -4.08
CA TYR B 118 -25.87 -24.53 -5.50
C TYR B 118 -26.38 -25.83 -6.11
N SER B 119 -26.99 -25.74 -7.29
CA SER B 119 -27.51 -26.92 -7.96
C SER B 119 -27.16 -26.98 -9.45
N GLY B 120 -26.23 -26.15 -9.89
CA GLY B 120 -25.84 -26.14 -11.30
C GLY B 120 -26.10 -24.81 -11.97
N PRO B 121 -25.98 -24.73 -13.29
CA PRO B 121 -25.61 -25.80 -14.23
C PRO B 121 -24.12 -25.96 -14.48
N PHE B 122 -23.30 -25.01 -14.00
CA PHE B 122 -21.86 -25.09 -14.20
C PHE B 122 -21.18 -26.01 -13.19
N PRO B 123 -20.17 -26.76 -13.63
CA PRO B 123 -19.49 -27.64 -12.68
C PRO B 123 -18.56 -26.75 -11.85
N ILE B 124 -18.21 -27.17 -10.65
CA ILE B 124 -17.30 -26.39 -9.83
C ILE B 124 -16.10 -27.25 -9.51
N HIS B 125 -14.92 -26.78 -9.87
CA HIS B 125 -13.71 -27.54 -9.61
C HIS B 125 -13.09 -27.14 -8.29
N PHE B 126 -12.93 -28.13 -7.43
CA PHE B 126 -12.36 -27.91 -6.11
C PHE B 126 -10.97 -28.50 -5.99
N HIS B 127 -10.14 -27.85 -5.19
CA HIS B 127 -8.80 -28.34 -4.91
C HIS B 127 -8.78 -28.50 -3.39
N LEU B 128 -8.52 -29.72 -2.95
CA LEU B 128 -8.49 -30.03 -1.53
C LEU B 128 -7.17 -29.60 -0.89
N KCX B 129 -7.24 -28.72 0.10
CA KCX B 129 -6.05 -28.24 0.80
CB KCX B 129 -6.23 -26.77 1.23
CG KCX B 129 -5.09 -26.20 2.08
CD KCX B 129 -3.86 -25.84 1.26
CE KCX B 129 -2.59 -26.19 2.03
NZ KCX B 129 -2.11 -25.17 2.99
C KCX B 129 -5.80 -29.11 2.03
O KCX B 129 -6.67 -29.27 2.87
CX KCX B 129 -2.39 -23.88 3.03
OQ1 KCX B 129 -2.10 -23.27 4.09
OQ2 KCX B 129 -2.54 -23.23 1.97
N MET B 130 -4.60 -29.67 2.12
CA MET B 130 -4.22 -30.50 3.25
C MET B 130 -3.11 -29.84 4.05
N ASP B 131 -3.36 -29.66 5.34
CA ASP B 131 -2.36 -29.05 6.23
C ASP B 131 -1.37 -30.12 6.65
N THR B 132 -0.14 -30.02 6.16
CA THR B 132 0.89 -31.00 6.48
C THR B 132 1.88 -30.45 7.50
N GLY B 133 1.59 -29.27 8.05
CA GLY B 133 2.49 -28.70 9.03
C GLY B 133 2.67 -27.19 8.96
N MET B 134 1.89 -26.53 8.10
CA MET B 134 1.97 -25.07 7.96
C MET B 134 1.04 -24.44 8.99
N GLY B 135 -0.02 -25.16 9.35
CA GLY B 135 -0.97 -24.68 10.33
C GLY B 135 -1.82 -23.50 9.88
N ARG B 136 -1.83 -23.23 8.58
CA ARG B 136 -2.62 -22.13 8.05
C ARG B 136 -4.01 -22.62 7.64
N LEU B 137 -4.11 -23.21 6.45
CA LEU B 137 -5.39 -23.75 5.99
C LEU B 137 -5.22 -25.22 5.64
N GLY B 138 -6.32 -25.96 5.55
CA GLY B 138 -6.24 -27.35 5.19
C GLY B 138 -6.78 -28.36 6.18
N VAL B 139 -7.17 -29.53 5.69
CA VAL B 139 -7.68 -30.61 6.52
C VAL B 139 -6.51 -31.29 7.21
N LYS B 140 -6.76 -31.90 8.36
CA LYS B 140 -5.68 -32.56 9.09
C LYS B 140 -5.94 -34.02 9.44
N ASP B 141 -7.20 -34.45 9.36
CA ASP B 141 -7.50 -35.84 9.69
C ASP B 141 -8.25 -36.60 8.61
N GLU B 142 -8.14 -37.92 8.68
CA GLU B 142 -8.77 -38.82 7.72
C GLU B 142 -10.29 -38.69 7.66
N GLU B 143 -10.93 -38.62 8.82
CA GLU B 143 -12.37 -38.50 8.90
C GLU B 143 -12.91 -37.31 8.11
N GLU B 144 -12.32 -36.14 8.34
CA GLU B 144 -12.74 -34.93 7.64
C GLU B 144 -12.52 -35.07 6.13
N THR B 145 -11.37 -35.62 5.75
CA THR B 145 -11.05 -35.79 4.34
C THR B 145 -12.10 -36.63 3.60
N LYS B 146 -12.41 -37.81 4.13
CA LYS B 146 -13.38 -38.68 3.47
C LYS B 146 -14.78 -38.06 3.41
N ARG B 147 -15.13 -37.26 4.41
CA ARG B 147 -16.44 -36.61 4.44
C ARG B 147 -16.50 -35.59 3.29
N ILE B 148 -15.40 -34.87 3.10
CA ILE B 148 -15.31 -33.88 2.03
C ILE B 148 -15.41 -34.54 0.66
N VAL B 149 -14.67 -35.64 0.48
CA VAL B 149 -14.69 -36.36 -0.79
C VAL B 149 -16.09 -36.90 -1.07
N ALA B 150 -16.74 -37.43 -0.03
CA ALA B 150 -18.09 -37.97 -0.17
C ALA B 150 -19.09 -36.91 -0.61
N LEU B 151 -18.97 -35.72 -0.03
CA LEU B 151 -19.85 -34.62 -0.37
C LEU B 151 -19.64 -34.18 -1.82
N ILE B 152 -18.39 -34.21 -2.27
CA ILE B 152 -18.08 -33.81 -3.64
C ILE B 152 -18.63 -34.84 -4.64
N GLU B 153 -18.36 -36.11 -4.38
CA GLU B 153 -18.81 -37.18 -5.26
C GLU B 153 -20.33 -37.20 -5.41
N ARG B 154 -21.04 -36.99 -4.31
CA ARG B 154 -22.49 -37.00 -4.32
C ARG B 154 -23.15 -35.87 -5.12
N HIS B 155 -22.53 -34.70 -5.15
CA HIS B 155 -23.09 -33.57 -5.89
C HIS B 155 -22.79 -33.69 -7.38
N PRO B 156 -23.83 -33.65 -8.23
CA PRO B 156 -23.66 -33.76 -9.68
C PRO B 156 -22.83 -32.67 -10.35
N HIS B 157 -22.59 -31.57 -9.64
CA HIS B 157 -21.81 -30.47 -10.22
C HIS B 157 -20.51 -30.16 -9.50
N PHE B 158 -20.19 -30.93 -8.46
CA PHE B 158 -18.94 -30.72 -7.73
C PHE B 158 -17.91 -31.71 -8.27
N VAL B 159 -16.69 -31.23 -8.50
CA VAL B 159 -15.62 -32.06 -9.01
C VAL B 159 -14.34 -31.82 -8.23
N LEU B 160 -13.69 -32.91 -7.81
CA LEU B 160 -12.43 -32.80 -7.10
C LEU B 160 -11.33 -32.81 -8.16
N GLU B 161 -10.89 -31.61 -8.56
CA GLU B 161 -9.87 -31.49 -9.58
C GLU B 161 -8.46 -31.70 -9.06
N GLY B 162 -8.23 -31.36 -7.80
CA GLY B 162 -6.89 -31.56 -7.28
C GLY B 162 -6.82 -31.46 -5.78
N LEU B 163 -5.64 -31.69 -5.24
CA LEU B 163 -5.44 -31.58 -3.82
C LEU B 163 -4.01 -31.15 -3.64
N TYR B 164 -3.74 -30.38 -2.60
CA TYR B 164 -2.41 -29.88 -2.39
C TYR B 164 -2.11 -29.50 -0.94
N THR B 165 -0.88 -29.09 -0.72
CA THR B 165 -0.43 -28.63 0.58
C THR B 165 0.61 -27.56 0.30
N HIS B 166 1.13 -26.94 1.35
CA HIS B 166 2.13 -25.89 1.20
C HIS B 166 3.20 -26.10 2.27
N PHE B 167 4.45 -25.92 1.89
CA PHE B 167 5.59 -26.11 2.79
C PHE B 167 5.92 -24.81 3.53
N ALA B 168 6.29 -24.95 4.80
CA ALA B 168 6.61 -23.80 5.63
C ALA B 168 8.11 -23.49 5.68
N THR B 169 8.95 -24.46 5.32
CA THR B 169 10.39 -24.24 5.38
C THR B 169 11.16 -24.77 4.18
N ALA B 170 10.56 -24.68 3.00
CA ALA B 170 11.22 -25.16 1.78
C ALA B 170 12.40 -24.28 1.37
N ASP B 171 12.47 -23.08 1.95
CA ASP B 171 13.54 -22.14 1.63
C ASP B 171 14.73 -22.23 2.58
N GLU B 172 14.67 -23.16 3.53
CA GLU B 172 15.74 -23.33 4.50
C GLU B 172 16.73 -24.43 4.09
N VAL B 173 18.02 -24.17 4.32
CA VAL B 173 19.06 -25.14 3.97
C VAL B 173 18.74 -26.49 4.60
N ASN B 174 18.50 -26.50 5.91
CA ASN B 174 18.15 -27.73 6.59
C ASN B 174 16.81 -28.18 6.03
N THR B 175 16.70 -29.46 5.67
CA THR B 175 15.47 -29.97 5.08
C THR B 175 14.69 -30.93 5.97
N ASP B 176 14.96 -30.90 7.26
CA ASP B 176 14.28 -31.79 8.19
C ASP B 176 12.77 -31.59 8.28
N TYR B 177 12.33 -30.35 8.54
CA TYR B 177 10.91 -30.10 8.63
C TYR B 177 10.25 -30.29 7.26
N PHE B 178 10.99 -29.97 6.21
CA PHE B 178 10.50 -30.12 4.84
C PHE B 178 10.19 -31.59 4.57
N SER B 179 11.18 -32.44 4.78
CA SER B 179 11.00 -33.87 4.56
C SER B 179 9.85 -34.40 5.41
N TYR B 180 9.64 -33.78 6.56
CA TYR B 180 8.55 -34.17 7.45
C TYR B 180 7.20 -33.88 6.77
N GLN B 181 7.05 -32.69 6.22
CA GLN B 181 5.81 -32.31 5.55
C GLN B 181 5.58 -33.15 4.29
N TYR B 182 6.67 -33.45 3.59
CA TYR B 182 6.59 -34.25 2.38
C TYR B 182 6.05 -35.65 2.69
N THR B 183 6.62 -36.28 3.70
CA THR B 183 6.21 -37.62 4.11
C THR B 183 4.75 -37.64 4.58
N ARG B 184 4.35 -36.62 5.33
CA ARG B 184 2.97 -36.54 5.81
C ARG B 184 2.00 -36.43 4.65
N PHE B 185 2.40 -35.67 3.63
CA PHE B 185 1.56 -35.48 2.45
C PHE B 185 1.28 -36.80 1.74
N LEU B 186 2.33 -37.59 1.51
CA LEU B 186 2.19 -38.88 0.85
C LEU B 186 1.27 -39.80 1.66
N HIS B 187 1.37 -39.70 2.98
CA HIS B 187 0.55 -40.52 3.86
C HIS B 187 -0.92 -40.10 3.78
N MET B 188 -1.15 -38.79 3.81
N MET B 188 -1.16 -38.79 3.82
CA MET B 188 -2.50 -38.24 3.74
CA MET B 188 -2.52 -38.28 3.75
C MET B 188 -3.13 -38.48 2.38
C MET B 188 -3.15 -38.48 2.37
N LEU B 189 -2.31 -38.62 1.35
CA LEU B 189 -2.79 -38.84 -0.01
C LEU B 189 -3.48 -40.21 -0.10
N GLU B 190 -3.09 -41.11 0.80
CA GLU B 190 -3.65 -42.45 0.83
C GLU B 190 -5.07 -42.48 1.39
N TRP B 191 -5.55 -41.35 1.88
CA TRP B 191 -6.91 -41.28 2.41
C TRP B 191 -7.91 -41.07 1.29
N LEU B 192 -7.40 -40.70 0.13
CA LEU B 192 -8.26 -40.47 -1.04
C LEU B 192 -8.48 -41.78 -1.78
N PRO B 193 -9.74 -42.08 -2.12
CA PRO B 193 -10.06 -43.32 -2.84
C PRO B 193 -9.38 -43.36 -4.20
N SER B 194 -9.13 -42.17 -4.75
CA SER B 194 -8.48 -42.04 -6.04
C SER B 194 -7.72 -40.73 -6.14
N ARG B 195 -6.55 -40.80 -6.77
CA ARG B 195 -5.71 -39.64 -6.96
C ARG B 195 -6.34 -38.67 -7.96
N PRO B 196 -6.62 -37.44 -7.54
CA PRO B 196 -7.23 -36.43 -8.43
C PRO B 196 -6.28 -36.14 -9.58
N PRO B 197 -6.79 -35.56 -10.68
CA PRO B 197 -5.94 -35.23 -11.83
C PRO B 197 -4.76 -34.30 -11.54
N LEU B 198 -4.92 -33.38 -10.59
CA LEU B 198 -3.83 -32.46 -10.26
C LEU B 198 -3.41 -32.57 -8.79
N VAL B 199 -2.15 -32.95 -8.59
CA VAL B 199 -1.58 -33.08 -7.26
C VAL B 199 -0.40 -32.12 -7.23
N HIS B 200 -0.43 -31.15 -6.32
CA HIS B 200 0.65 -30.18 -6.25
C HIS B 200 1.06 -29.84 -4.81
N CYS B 201 2.30 -29.40 -4.64
CA CYS B 201 2.79 -29.08 -3.32
C CYS B 201 3.95 -28.08 -3.32
N ALA B 202 4.66 -27.98 -4.44
CA ALA B 202 5.82 -27.10 -4.53
C ALA B 202 5.60 -25.63 -4.83
N ASN B 203 6.37 -24.79 -4.14
CA ASN B 203 6.35 -23.35 -4.34
C ASN B 203 7.69 -23.08 -5.04
N SER B 204 8.11 -21.82 -5.14
CA SER B 204 9.38 -21.52 -5.82
C SER B 204 10.56 -22.34 -5.30
N ALA B 205 10.77 -22.28 -3.99
CA ALA B 205 11.88 -22.98 -3.36
C ALA B 205 11.87 -24.48 -3.64
N ALA B 206 10.73 -25.12 -3.38
CA ALA B 206 10.60 -26.57 -3.60
C ALA B 206 10.77 -26.99 -5.05
N SER B 207 10.16 -26.23 -5.96
CA SER B 207 10.26 -26.55 -7.39
C SER B 207 11.67 -26.39 -7.94
N LEU B 208 12.39 -25.38 -7.48
CA LEU B 208 13.74 -25.13 -7.95
C LEU B 208 14.80 -26.04 -7.34
N ARG B 209 14.55 -26.55 -6.14
CA ARG B 209 15.51 -27.44 -5.50
C ARG B 209 15.27 -28.93 -5.75
N PHE B 210 14.01 -29.30 -5.96
CA PHE B 210 13.67 -30.70 -6.20
C PHE B 210 12.65 -30.79 -7.34
N PRO B 211 13.03 -30.35 -8.54
CA PRO B 211 12.14 -30.39 -9.70
C PRO B 211 11.55 -31.75 -10.04
N ASP B 212 12.22 -32.82 -9.62
CA ASP B 212 11.75 -34.17 -9.90
C ASP B 212 10.76 -34.73 -8.89
N ARG B 213 10.51 -33.99 -7.81
CA ARG B 213 9.57 -34.44 -6.78
C ARG B 213 8.48 -33.39 -6.61
N THR B 214 7.97 -32.91 -7.74
CA THR B 214 6.94 -31.88 -7.74
C THR B 214 5.56 -32.38 -8.17
N PHE B 215 5.48 -33.68 -8.51
CA PHE B 215 4.22 -34.27 -8.95
C PHE B 215 3.82 -33.70 -10.31
N ASN B 216 2.56 -33.30 -10.49
CA ASN B 216 2.16 -32.79 -11.79
C ASN B 216 1.94 -31.28 -11.96
N MET B 217 2.15 -30.50 -10.90
CA MET B 217 1.99 -29.05 -11.02
C MET B 217 2.74 -28.32 -9.92
N VAL B 218 3.43 -27.24 -10.30
CA VAL B 218 4.17 -26.43 -9.35
C VAL B 218 3.53 -25.04 -9.30
N ARG B 219 3.58 -24.40 -8.13
CA ARG B 219 3.01 -23.08 -7.94
C ARG B 219 4.21 -22.14 -7.80
N PHE B 220 4.57 -21.53 -8.92
CA PHE B 220 5.72 -20.63 -9.05
C PHE B 220 5.40 -19.19 -8.68
N GLY B 221 5.99 -18.71 -7.59
CA GLY B 221 5.74 -17.34 -7.17
C GLY B 221 6.91 -16.38 -7.18
N ILE B 222 7.47 -16.15 -6.00
CA ILE B 222 8.56 -15.21 -5.80
C ILE B 222 9.70 -15.30 -6.83
N ALA B 223 10.10 -16.51 -7.22
CA ALA B 223 11.18 -16.67 -8.18
C ALA B 223 10.81 -16.19 -9.59
N MET B 224 9.52 -16.19 -9.90
CA MET B 224 9.07 -15.73 -11.21
C MET B 224 9.43 -14.26 -11.36
N TYR B 225 9.39 -13.55 -10.24
CA TYR B 225 9.71 -12.12 -10.21
C TYR B 225 11.22 -11.89 -10.11
N GLY B 226 11.98 -12.96 -10.09
CA GLY B 226 13.43 -12.84 -10.04
C GLY B 226 14.00 -12.61 -8.65
N LEU B 227 13.23 -12.90 -7.62
CA LEU B 227 13.68 -12.73 -6.25
C LEU B 227 13.89 -14.09 -5.59
N ALA B 228 15.03 -14.27 -4.93
CA ALA B 228 15.35 -15.53 -4.27
C ALA B 228 14.42 -15.78 -3.09
N PRO B 229 13.92 -17.01 -2.94
CA PRO B 229 13.02 -17.32 -1.83
C PRO B 229 13.64 -16.93 -0.49
N SER B 230 14.96 -17.09 -0.39
CA SER B 230 15.71 -16.75 0.81
C SER B 230 17.18 -16.60 0.45
N PRO B 231 17.93 -15.83 1.23
CA PRO B 231 19.37 -15.65 0.94
C PRO B 231 20.13 -16.97 1.07
N GLY B 232 19.62 -17.86 1.92
CA GLY B 232 20.26 -19.14 2.15
C GLY B 232 20.28 -20.11 0.99
N ILE B 233 19.33 -20.01 0.07
CA ILE B 233 19.31 -20.94 -1.05
C ILE B 233 19.77 -20.33 -2.36
N LYS B 234 20.20 -19.08 -2.33
CA LYS B 234 20.67 -18.43 -3.55
C LYS B 234 21.73 -19.25 -4.29
N PRO B 235 22.68 -19.84 -3.57
CA PRO B 235 23.71 -20.65 -4.21
C PRO B 235 23.22 -22.01 -4.71
N LEU B 236 22.04 -22.42 -4.25
CA LEU B 236 21.46 -23.71 -4.62
C LEU B 236 20.57 -23.65 -5.86
N LEU B 237 20.23 -22.44 -6.30
CA LEU B 237 19.36 -22.25 -7.46
C LEU B 237 19.98 -22.75 -8.77
N PRO B 238 19.20 -23.52 -9.56
CA PRO B 238 19.63 -24.09 -10.85
C PRO B 238 20.00 -23.09 -11.95
N TYR B 239 19.44 -21.89 -11.88
CA TYR B 239 19.74 -20.88 -12.88
C TYR B 239 19.64 -19.47 -12.31
N PRO B 240 20.32 -18.51 -12.93
CA PRO B 240 20.28 -17.12 -12.46
C PRO B 240 18.93 -16.46 -12.68
N LEU B 241 18.40 -15.87 -11.61
CA LEU B 241 17.12 -15.17 -11.67
C LEU B 241 17.34 -13.73 -12.11
N LYS B 242 16.41 -13.21 -12.91
CA LYS B 242 16.51 -11.83 -13.38
C LYS B 242 15.47 -11.00 -12.62
N GLU B 243 15.94 -10.00 -11.87
CA GLU B 243 15.03 -9.14 -11.09
C GLU B 243 14.23 -8.26 -12.06
N ALA B 244 12.93 -8.17 -11.87
CA ALA B 244 12.08 -7.42 -12.77
C ALA B 244 11.60 -6.04 -12.36
N PHE B 245 11.68 -5.74 -11.07
CA PHE B 245 11.17 -4.46 -10.55
C PHE B 245 12.22 -3.39 -10.25
N SER B 246 11.95 -2.16 -10.67
CA SER B 246 12.83 -1.03 -10.37
C SER B 246 11.91 0.17 -10.07
N LEU B 247 12.42 1.13 -9.31
CA LEU B 247 11.63 2.28 -8.88
C LEU B 247 12.49 3.53 -9.02
N HIS B 248 11.92 4.54 -9.68
CA HIS B 248 12.66 5.79 -9.94
C HIS B 248 11.84 7.04 -9.66
N SER B 249 12.55 8.16 -9.58
CA SER B 249 11.91 9.46 -9.36
C SER B 249 12.88 10.51 -9.91
N ARG B 250 12.49 11.78 -9.82
CA ARG B 250 13.32 12.87 -10.32
C ARG B 250 13.35 13.99 -9.29
N LEU B 251 14.47 14.69 -9.21
CA LEU B 251 14.59 15.82 -8.29
C LEU B 251 13.60 16.88 -8.73
N VAL B 252 12.79 17.39 -7.79
CA VAL B 252 11.84 18.45 -8.12
C VAL B 252 12.27 19.77 -7.49
N HIS B 253 13.26 19.70 -6.60
CA HIS B 253 13.81 20.90 -5.98
C HIS B 253 15.23 20.63 -5.52
N VAL B 254 16.05 21.67 -5.57
CA VAL B 254 17.44 21.58 -5.16
C VAL B 254 17.77 22.91 -4.48
N LYS B 255 18.47 22.84 -3.35
CA LYS B 255 18.84 24.05 -2.63
C LYS B 255 20.07 23.78 -1.76
N LYS B 256 20.80 24.85 -1.44
CA LYS B 256 21.98 24.72 -0.61
C LYS B 256 21.65 25.21 0.80
N LEU B 257 21.90 24.38 1.81
CA LEU B 257 21.62 24.77 3.19
C LEU B 257 22.89 25.23 3.88
N GLN B 258 22.72 26.05 4.92
CA GLN B 258 23.85 26.55 5.69
C GLN B 258 23.92 25.77 6.99
N PRO B 259 25.13 25.65 7.57
CA PRO B 259 25.25 24.90 8.83
C PRO B 259 24.22 25.40 9.83
N GLY B 260 23.58 24.48 10.54
CA GLY B 260 22.59 24.87 11.54
C GLY B 260 21.14 24.77 11.08
N GLU B 261 20.93 24.70 9.76
CA GLU B 261 19.58 24.61 9.24
C GLU B 261 19.00 23.20 9.38
N LYS B 262 17.72 23.14 9.72
CA LYS B 262 17.01 21.88 9.95
C LYS B 262 16.25 21.37 8.74
N VAL B 263 16.04 20.05 8.68
CA VAL B 263 15.33 19.44 7.56
C VAL B 263 14.22 18.49 8.00
N SER B 264 13.02 18.70 7.43
CA SER B 264 11.82 17.89 7.64
C SER B 264 11.17 17.91 9.03
N PHE B 265 10.10 17.13 9.19
CA PHE B 265 9.37 17.05 10.46
C PHE B 265 10.20 16.71 11.68
N GLY B 266 9.92 17.40 12.78
CA GLY B 266 10.65 17.17 14.01
C GLY B 266 12.05 17.77 13.96
N ALA B 267 12.44 18.27 12.79
CA ALA B 267 13.76 18.85 12.63
C ALA B 267 14.84 17.91 13.18
N THR B 268 14.72 16.63 12.87
CA THR B 268 15.66 15.61 13.34
C THR B 268 17.02 15.63 12.62
N TYR B 269 17.13 16.45 11.57
CA TYR B 269 18.39 16.53 10.85
C TYR B 269 18.88 17.96 10.82
N THR B 270 20.17 18.14 11.06
CA THR B 270 20.79 19.44 11.06
C THR B 270 22.04 19.39 10.18
N ALA B 271 22.14 20.34 9.26
CA ALA B 271 23.29 20.40 8.36
C ALA B 271 24.52 20.84 9.15
N GLN B 272 25.60 20.06 9.08
CA GLN B 272 26.83 20.40 9.78
C GLN B 272 27.72 21.33 8.97
N THR B 273 27.54 21.34 7.66
CA THR B 273 28.31 22.20 6.77
C THR B 273 27.40 22.68 5.64
N GLU B 274 28.00 23.29 4.63
CA GLU B 274 27.25 23.77 3.47
C GLU B 274 26.92 22.53 2.63
N GLU B 275 25.64 22.20 2.55
CA GLU B 275 25.21 21.02 1.81
C GLU B 275 24.15 21.28 0.75
N TRP B 276 24.11 20.42 -0.27
CA TRP B 276 23.11 20.52 -1.32
C TRP B 276 22.04 19.48 -0.98
N ILE B 277 20.79 19.92 -0.92
CA ILE B 277 19.68 19.05 -0.59
C ILE B 277 18.70 18.94 -1.74
N GLY B 278 18.34 17.71 -2.09
CA GLY B 278 17.40 17.50 -3.18
C GLY B 278 16.10 16.98 -2.62
N THR B 279 14.98 17.34 -3.25
CA THR B 279 13.68 16.86 -2.80
C THR B 279 13.12 15.98 -3.91
N ILE B 280 12.64 14.79 -3.56
CA ILE B 280 12.06 13.92 -4.58
C ILE B 280 10.61 13.63 -4.21
N PRO B 281 9.72 13.55 -5.21
CA PRO B 281 8.30 13.29 -4.99
C PRO B 281 7.87 11.86 -4.72
N ILE B 282 8.39 11.27 -3.65
CA ILE B 282 7.98 9.93 -3.24
C ILE B 282 8.02 9.91 -1.71
N GLY B 283 7.02 9.29 -1.09
CA GLY B 283 6.97 9.26 0.36
C GLY B 283 6.33 7.99 0.89
N TYR B 284 5.98 7.98 2.17
CA TYR B 284 5.41 6.76 2.73
C TYR B 284 4.04 6.35 2.22
N ALA B 285 3.27 7.29 1.66
CA ALA B 285 1.96 6.92 1.10
C ALA B 285 2.19 6.17 -0.21
N ASP B 286 3.44 6.16 -0.67
CA ASP B 286 3.81 5.45 -1.90
C ASP B 286 4.43 4.10 -1.55
N GLY B 287 4.56 3.83 -0.26
CA GLY B 287 5.16 2.58 0.16
C GLY B 287 6.64 2.75 0.50
N TRP B 288 7.14 3.97 0.43
CA TRP B 288 8.54 4.22 0.77
C TRP B 288 8.44 4.63 2.24
N LEU B 289 8.30 3.62 3.07
CA LEU B 289 8.11 3.77 4.51
C LEU B 289 9.12 4.63 5.27
N ARG B 290 8.64 5.24 6.35
N ARG B 290 8.64 5.25 6.36
CA ARG B 290 9.46 6.12 7.19
CA ARG B 290 9.48 6.13 7.17
C ARG B 290 10.74 5.45 7.67
C ARG B 290 10.74 5.45 7.69
N ARG B 291 10.70 4.14 7.88
CA ARG B 291 11.85 3.41 8.35
C ARG B 291 13.03 3.46 7.36
N LEU B 292 12.78 3.95 6.15
CA LEU B 292 13.86 4.03 5.16
C LEU B 292 14.75 5.26 5.32
N GLN B 293 14.56 5.99 6.41
CA GLN B 293 15.40 7.15 6.68
C GLN B 293 16.80 6.54 6.83
N HIS B 294 17.83 7.26 6.40
CA HIS B 294 19.21 6.79 6.47
C HIS B 294 19.61 5.81 5.35
N PHE B 295 18.64 5.37 4.55
CA PHE B 295 18.94 4.47 3.46
C PHE B 295 19.57 5.30 2.35
N HIS B 296 20.28 4.67 1.42
CA HIS B 296 20.91 5.40 0.32
C HIS B 296 20.23 5.14 -1.02
N VAL B 297 20.00 6.20 -1.78
CA VAL B 297 19.41 6.07 -3.12
C VAL B 297 20.51 6.40 -4.12
N LEU B 298 20.23 6.24 -5.40
CA LEU B 298 21.22 6.51 -6.44
C LEU B 298 20.88 7.75 -7.27
N VAL B 299 21.85 8.64 -7.39
N VAL B 299 21.85 8.64 -7.40
CA VAL B 299 21.69 9.86 -8.18
CA VAL B 299 21.67 9.86 -8.20
C VAL B 299 23.00 10.15 -8.90
C VAL B 299 22.99 10.17 -8.90
N ASP B 300 22.93 10.32 -10.22
CA ASP B 300 24.11 10.60 -11.02
C ASP B 300 25.17 9.51 -10.78
N GLY B 301 24.70 8.27 -10.67
CA GLY B 301 25.58 7.14 -10.46
C GLY B 301 26.20 6.99 -9.09
N GLN B 302 25.79 7.83 -8.14
CA GLN B 302 26.37 7.76 -6.81
C GLN B 302 25.32 7.57 -5.73
N LYS B 303 25.74 7.04 -4.58
CA LYS B 303 24.82 6.83 -3.48
C LYS B 303 24.67 8.11 -2.66
N ALA B 304 23.42 8.43 -2.33
CA ALA B 304 23.12 9.62 -1.55
C ALA B 304 22.12 9.22 -0.47
N PRO B 305 22.41 9.59 0.79
CA PRO B 305 21.53 9.26 1.90
C PRO B 305 20.26 10.10 1.97
N ILE B 306 19.21 9.48 2.47
CA ILE B 306 17.94 10.17 2.66
C ILE B 306 18.16 10.84 4.01
N VAL B 307 17.93 12.15 4.03
N VAL B 307 17.97 12.16 4.05
CA VAL B 307 18.13 12.95 5.22
CA VAL B 307 18.16 12.91 5.27
C VAL B 307 16.82 13.47 5.80
C VAL B 307 16.85 13.47 5.81
N GLY B 308 16.70 13.42 7.13
CA GLY B 308 15.49 13.91 7.76
C GLY B 308 14.39 12.87 7.65
N ARG B 309 13.27 13.09 8.33
CA ARG B 309 12.17 12.15 8.27
C ARG B 309 11.53 12.13 6.89
N ILE B 310 11.06 10.96 6.49
CA ILE B 310 10.37 10.80 5.21
C ILE B 310 8.94 11.29 5.41
N CYS B 311 8.45 12.09 4.46
CA CYS B 311 7.10 12.63 4.56
C CYS B 311 6.13 11.75 3.77
N MET B 312 4.85 12.11 3.82
CA MET B 312 3.83 11.33 3.15
C MET B 312 4.00 11.22 1.64
N ASP B 313 4.44 12.32 1.01
CA ASP B 313 4.59 12.34 -0.44
C ASP B 313 5.96 12.74 -0.93
N GLN B 314 6.87 13.05 -0.01
CA GLN B 314 8.20 13.48 -0.42
C GLN B 314 9.26 13.15 0.61
N CYS B 315 10.52 13.22 0.18
CA CYS B 315 11.63 13.02 1.09
C CYS B 315 12.83 13.76 0.52
N MET B 316 13.83 13.98 1.37
CA MET B 316 15.01 14.72 0.99
C MET B 316 16.28 13.88 1.00
N ILE B 317 17.21 14.21 0.12
CA ILE B 317 18.48 13.50 0.04
C ILE B 317 19.63 14.48 -0.02
N ARG B 318 20.78 14.09 0.53
CA ARG B 318 21.94 14.97 0.49
C ARG B 318 22.66 14.65 -0.82
N LEU B 319 22.78 15.68 -1.66
CA LEU B 319 23.42 15.52 -2.96
C LEU B 319 24.94 15.65 -2.90
N PRO B 320 25.65 14.98 -3.82
CA PRO B 320 27.12 15.03 -3.86
C PRO B 320 27.59 16.41 -4.32
N GLY B 321 26.62 17.24 -4.72
CA GLY B 321 26.93 18.58 -5.18
C GLY B 321 25.75 19.15 -5.94
N PRO B 322 25.93 20.27 -6.64
CA PRO B 322 24.85 20.89 -7.41
C PRO B 322 24.41 20.04 -8.60
N LEU B 323 23.13 19.71 -8.65
CA LEU B 323 22.59 18.94 -9.76
C LEU B 323 21.32 19.66 -10.19
N PRO B 324 20.96 19.54 -11.47
CA PRO B 324 19.75 20.21 -11.95
C PRO B 324 18.44 19.50 -11.62
N VAL B 325 17.37 20.28 -11.54
CA VAL B 325 16.05 19.72 -11.28
C VAL B 325 15.80 18.79 -12.47
N GLY B 326 15.14 17.67 -12.22
CA GLY B 326 14.86 16.74 -13.30
C GLY B 326 15.83 15.57 -13.32
N THR B 327 16.92 15.67 -12.55
CA THR B 327 17.89 14.59 -12.51
C THR B 327 17.22 13.33 -11.96
N LYS B 328 17.46 12.21 -12.63
CA LYS B 328 16.88 10.93 -12.25
C LYS B 328 17.46 10.34 -10.97
N VAL B 329 16.58 9.89 -10.09
CA VAL B 329 16.99 9.24 -8.85
C VAL B 329 16.44 7.83 -8.93
N THR B 330 17.28 6.85 -8.62
CA THR B 330 16.87 5.46 -8.66
C THR B 330 16.84 4.92 -7.24
N LEU B 331 15.66 4.49 -6.78
CA LEU B 331 15.51 3.96 -5.43
C LEU B 331 15.74 2.47 -5.38
N ILE B 332 15.36 1.79 -6.46
CA ILE B 332 15.58 0.35 -6.59
C ILE B 332 15.99 0.17 -8.05
N GLY B 333 17.15 -0.45 -8.27
CA GLY B 333 17.59 -0.65 -9.64
C GLY B 333 19.03 -0.28 -9.84
N ARG B 334 19.41 -0.14 -11.11
CA ARG B 334 20.79 0.17 -11.46
C ARG B 334 21.01 1.54 -12.07
N GLN B 335 22.13 2.15 -11.71
CA GLN B 335 22.51 3.44 -12.25
C GLN B 335 24.03 3.39 -12.39
N GLY B 336 24.47 3.20 -13.63
CA GLY B 336 25.90 3.12 -13.88
C GLY B 336 26.54 1.88 -13.29
N ASP B 337 27.47 2.08 -12.38
CA ASP B 337 28.19 0.99 -11.74
C ASP B 337 27.54 0.53 -10.43
N GLU B 338 26.54 1.28 -9.97
CA GLU B 338 25.86 0.98 -8.72
C GLU B 338 24.49 0.35 -8.92
N VAL B 339 24.10 -0.50 -7.98
CA VAL B 339 22.81 -1.16 -8.04
C VAL B 339 22.23 -1.32 -6.65
N ILE B 340 20.92 -1.13 -6.54
CA ILE B 340 20.21 -1.30 -5.29
C ILE B 340 19.17 -2.36 -5.63
N SER B 341 19.18 -3.46 -4.89
N SER B 341 19.18 -3.46 -4.89
CA SER B 341 18.23 -4.54 -5.15
CA SER B 341 18.23 -4.54 -5.14
C SER B 341 17.10 -4.49 -4.14
C SER B 341 17.09 -4.49 -4.14
N ILE B 342 16.03 -5.24 -4.43
CA ILE B 342 14.89 -5.28 -3.53
C ILE B 342 15.42 -5.88 -2.22
N ASP B 343 16.38 -6.79 -2.33
CA ASP B 343 16.94 -7.41 -1.13
C ASP B 343 17.61 -6.38 -0.22
N ASP B 344 18.21 -5.35 -0.80
CA ASP B 344 18.88 -4.31 -0.02
C ASP B 344 17.86 -3.47 0.74
N VAL B 345 16.72 -3.19 0.09
CA VAL B 345 15.67 -2.41 0.73
C VAL B 345 15.05 -3.23 1.85
N ALA B 346 14.87 -4.53 1.59
CA ALA B 346 14.29 -5.41 2.59
C ALA B 346 15.20 -5.47 3.82
N ARG B 347 16.51 -5.45 3.58
CA ARG B 347 17.46 -5.51 4.68
C ARG B 347 17.33 -4.30 5.59
N HIS B 348 17.26 -3.11 5.00
CA HIS B 348 17.12 -1.89 5.77
C HIS B 348 15.82 -1.87 6.57
N LEU B 349 14.75 -2.36 5.95
CA LEU B 349 13.43 -2.40 6.57
C LEU B 349 13.29 -3.55 7.56
N GLU B 350 14.30 -4.43 7.60
CA GLU B 350 14.26 -5.58 8.49
C GLU B 350 13.06 -6.47 8.19
N THR B 351 12.90 -6.81 6.91
CA THR B 351 11.81 -7.68 6.49
C THR B 351 12.33 -8.57 5.36
N ILE B 352 11.42 -9.21 4.62
CA ILE B 352 11.83 -10.08 3.51
C ILE B 352 11.47 -9.45 2.18
N ASN B 353 12.15 -9.85 1.10
CA ASN B 353 11.87 -9.26 -0.20
C ASN B 353 10.40 -9.33 -0.64
N TYR B 354 9.67 -10.36 -0.20
CA TYR B 354 8.26 -10.47 -0.58
C TYR B 354 7.46 -9.22 -0.26
N GLU B 355 7.71 -8.67 0.92
CA GLU B 355 6.95 -7.53 1.39
C GLU B 355 7.18 -6.20 0.68
N VAL B 356 8.36 -6.00 0.10
CA VAL B 356 8.71 -4.74 -0.55
C VAL B 356 7.85 -4.31 -1.75
N PRO B 357 7.85 -5.07 -2.86
CA PRO B 357 7.03 -4.64 -4.00
C PRO B 357 5.53 -4.61 -3.70
N CYS B 358 5.09 -5.45 -2.78
CA CYS B 358 3.68 -5.49 -2.38
C CYS B 358 3.28 -4.19 -1.68
N THR B 359 4.25 -3.53 -1.09
CA THR B 359 3.98 -2.30 -0.34
C THR B 359 4.04 -1.04 -1.21
N ILE B 360 4.74 -1.10 -2.33
CA ILE B 360 4.78 0.06 -3.23
C ILE B 360 3.33 0.15 -3.65
N SER B 361 2.70 1.26 -3.26
CA SER B 361 1.28 1.45 -3.46
C SER B 361 0.68 1.71 -4.82
N TYR B 362 -0.66 1.69 -4.83
CA TYR B 362 -1.49 1.94 -6.01
C TYR B 362 -1.16 3.30 -6.62
N ARG B 363 -0.64 4.20 -5.79
CA ARG B 363 -0.31 5.55 -6.24
C ARG B 363 0.86 5.65 -7.23
N VAL B 364 1.69 4.63 -7.26
CA VAL B 364 2.87 4.61 -8.11
C VAL B 364 2.59 3.89 -9.42
N PRO B 365 2.68 4.62 -10.54
CA PRO B 365 2.43 4.02 -11.86
C PRO B 365 3.46 2.92 -12.17
N ARG B 366 3.05 1.94 -12.95
CA ARG B 366 3.94 0.86 -13.37
C ARG B 366 4.13 0.97 -14.90
N ILE B 367 5.39 1.01 -15.34
CA ILE B 367 5.68 1.07 -16.77
C ILE B 367 6.24 -0.30 -17.13
N PHE B 368 5.69 -0.91 -18.18
CA PHE B 368 6.09 -2.25 -18.58
C PHE B 368 6.96 -2.31 -19.82
N PHE B 369 8.01 -3.12 -19.75
CA PHE B 369 8.91 -3.32 -20.89
C PHE B 369 8.84 -4.77 -21.34
N ARG B 370 8.76 -4.97 -22.64
CA ARG B 370 8.73 -6.31 -23.23
C ARG B 370 9.47 -6.20 -24.55
N HIS B 371 10.37 -7.15 -24.80
CA HIS B 371 11.17 -7.14 -26.02
C HIS B 371 12.01 -5.87 -26.04
N LYS B 372 12.47 -5.47 -24.86
CA LYS B 372 13.29 -4.28 -24.69
C LYS B 372 12.64 -2.99 -25.18
N ARG B 373 11.32 -2.96 -25.18
N ARG B 373 11.32 -2.95 -25.18
CA ARG B 373 10.57 -1.79 -25.62
CA ARG B 373 10.59 -1.76 -25.61
C ARG B 373 9.49 -1.46 -24.59
C ARG B 373 9.48 -1.46 -24.62
N ILE B 374 9.08 -0.20 -24.53
CA ILE B 374 8.01 0.19 -23.61
C ILE B 374 6.75 -0.41 -24.23
N MET B 375 6.01 -1.16 -23.42
N MET B 375 6.01 -1.16 -23.41
CA MET B 375 4.79 -1.81 -23.91
CA MET B 375 4.81 -1.82 -23.89
C MET B 375 3.51 -1.16 -23.39
C MET B 375 3.52 -1.19 -23.39
N GLU B 376 3.50 -0.81 -22.11
CA GLU B 376 2.32 -0.20 -21.54
C GLU B 376 2.56 0.54 -20.23
N VAL B 377 1.65 1.47 -19.93
CA VAL B 377 1.71 2.27 -18.72
C VAL B 377 0.41 2.05 -17.96
N ARG B 378 0.53 1.71 -16.69
CA ARG B 378 -0.64 1.46 -15.85
C ARG B 378 -0.62 2.40 -14.65
N ASN B 379 -1.60 3.31 -14.60
CA ASN B 379 -1.72 4.29 -13.52
C ASN B 379 -3.05 4.03 -12.83
N ALA B 380 -2.99 3.43 -11.64
CA ALA B 380 -4.19 3.07 -10.88
C ALA B 380 -5.15 4.23 -10.63
N ILE B 381 -4.64 5.46 -10.62
CA ILE B 381 -5.52 6.61 -10.41
C ILE B 381 -5.53 7.55 -11.61
N1 PMP C . -0.46 21.03 4.35
C2 PMP C . 0.74 20.46 3.83
C2A PMP C . 1.57 21.30 2.87
C3 PMP C . 1.13 19.16 4.20
O3 PMP C . 2.31 18.62 3.68
C4 PMP C . 0.31 18.40 5.11
C4A PMP C . 0.75 16.97 5.50
N4A PMP C . 1.90 16.93 6.40
C5 PMP C . -0.99 19.07 5.64
C6 PMP C . -1.32 20.38 5.23
C5A PMP C . -1.74 18.42 6.83
O4P PMP C . -1.01 18.31 7.67
P PMP C . -1.64 17.64 8.94
O1P PMP C . -2.76 18.45 9.46
O2P PMP C . -0.58 17.55 9.98
O3P PMP C . -2.12 16.26 8.62
N1 PMH D . -0.25 21.34 4.24
C2 PMH D . 0.76 20.69 3.58
C2A PMH D . 1.60 21.44 2.58
C3 PMH D . 0.98 19.28 3.84
O3 PMH D . 1.96 18.65 3.18
C4 PMH D . 0.18 18.59 4.78
C4A PMH D . 0.33 17.14 5.12
C5 PMH D . -0.88 19.34 5.48
C6 PMH D . -1.06 20.72 5.17
C5A PMH D . -1.80 18.73 6.51
O4P PMH D . -1.00 18.40 7.65
P PMH D . -1.85 17.74 8.84
O1P PMH D . -2.38 16.10 8.38
O2P PMH D . -0.84 17.65 10.29
O3P PMH D . -3.27 18.75 9.16
N PMH D . 1.51 16.96 5.99
CA PMH D . 2.23 15.77 5.94
C PMH D . 3.16 15.38 4.95
O PMH D . 3.43 16.05 3.83
ND PMH D . 3.80 14.33 5.38
OG PMH D . 3.25 13.95 6.59
CB PMH D . 2.30 14.84 6.94
N1 PLP E . -0.21 21.40 4.58
C2 PLP E . 0.54 20.80 3.61
C2A PLP E . 1.30 21.69 2.64
C3 PLP E . 0.52 19.36 3.60
O3 PLP E . 1.26 18.77 2.63
C4 PLP E . -0.23 18.61 4.56
C4A PLP E . -0.23 17.16 4.53
C5 PLP E . -0.96 19.40 5.54
C6 PLP E . -0.95 20.77 5.54
C5A PLP E . -1.82 18.78 6.66
O4P PLP E . -1.09 18.46 7.82
P PLP E . -1.83 17.59 8.88
O1P PLP E . -2.94 18.39 9.41
O2P PLP E . -0.84 17.24 9.99
O3P PLP E . -2.29 16.35 8.21
OG 4AX F . 1.54 -16.00 1.45
O 4AX F . 4.95 -15.56 2.28
N 4AX F . 3.91 -14.98 -0.43
NXT 4AX F . 3.60 -15.56 2.52
CA 4AX F . 3.83 -16.19 0.39
CB 4AX F . 5.09 -16.47 1.13
C3 4AX F . 2.93 -15.91 1.50
C ACY G . 2.64 -16.08 1.16
O ACY G . 1.64 -16.86 0.83
OXT ACY G . 2.83 -15.49 2.27
CH3 ACY G . 3.65 -15.90 0.04
OG 4AX H . 3.05 16.00 3.89
O 4AX H . 3.75 13.72 6.49
N 4AX H . 0.98 14.29 5.60
NXT 4AX H . 3.99 14.37 5.31
CA 4AX H . 2.06 15.17 6.06
CB 4AX H . 2.83 14.59 7.20
C3 4AX H . 3.08 15.19 5.03
N1 PMP I . 1.24 -21.34 -3.23
C2 PMP I . 0.66 -20.92 -2.00
C2A PMP I . -0.47 -21.78 -1.43
C3 PMP I . 1.11 -19.75 -1.35
O3 PMP I . 0.53 -19.35 -0.16
C4 PMP I . 2.18 -19.00 -1.96
C4A PMP I . 2.67 -17.72 -1.23
N4A PMP I . 3.79 -17.95 -0.32
C5 PMP I . 2.79 -19.50 -3.29
C6 PMP I . 2.28 -20.68 -3.87
C5A PMP I . 4.16 -18.98 -3.74
O4P PMP I . 4.90 -19.18 -2.92
P PMP I . 6.34 -18.68 -3.25
O1P PMP I . 6.91 -19.44 -4.40
O2P PMP I . 7.19 -18.87 -2.06
O3P PMP I . 6.31 -17.22 -3.60
N1 PMH J . 1.16 -21.62 -3.04
C2 PMH J . 0.43 -21.06 -2.03
C2A PMH J . -0.76 -21.79 -1.47
C3 PMH J . 0.82 -19.77 -1.52
O3 PMH J . 0.10 -19.21 -0.52
C4 PMH J . 1.94 -19.09 -2.06
C4A PMH J . 2.42 -17.74 -1.58
C5 PMH J . 2.70 -19.75 -3.14
C6 PMH J . 2.26 -21.02 -3.61
C5A PMH J . 3.94 -19.15 -3.78
O4P PMH J . 4.99 -19.20 -2.81
P PMH J . 6.36 -18.60 -3.34
O1P PMH J . 6.17 -16.88 -3.77
O2P PMH J . 7.61 -18.79 -2.11
O3P PMH J . 6.84 -19.49 -4.79
N PMH J . 3.03 -17.88 -0.24
CA PMH J . 3.32 -16.73 0.51
C PMH J . 2.57 -16.17 1.55
O PMH J . 1.37 -16.60 1.95
ND PMH J . 3.28 -15.26 2.14
OG PMH J . 4.48 -15.13 1.45
CB PMH J . 4.51 -16.04 0.46
N1 PLP K . 1.46 -21.75 -2.93
C2 PLP K . 0.50 -21.15 -2.16
C2A PLP K . -0.64 -22.02 -1.64
C3 PLP K . 0.68 -19.75 -1.90
O3 PLP K . -0.27 -19.17 -1.13
C4 PLP K . 1.79 -19.03 -2.43
C4A PLP K . 1.96 -17.60 -2.15
C5 PLP K . 2.72 -19.81 -3.22
C6 PLP K . 2.55 -21.14 -3.46
C5A PLP K . 4.00 -19.21 -3.87
O4P PLP K . 5.10 -19.13 -3.00
P PLP K . 6.36 -18.40 -3.56
O1P PLP K . 6.85 -19.16 -4.72
O2P PLP K . 7.43 -18.39 -2.46
O3P PLP K . 5.96 -17.03 -3.90
C ACY L . 2.81 15.15 5.19
O ACY L . 2.56 15.97 4.20
OXT ACY L . 3.86 14.46 5.38
CH3 ACY L . 1.67 15.05 6.18
#